data_1ZLQ
#
_entry.id   1ZLQ
#
_cell.length_a   86.83
_cell.length_b   93.87
_cell.length_c   124.49
_cell.angle_alpha   90
_cell.angle_beta   90
_cell.angle_gamma   90
#
_symmetry.space_group_name_H-M   'P 21 21 21'
#
loop_
_entity.id
_entity.type
_entity.pdbx_description
1 polymer 'Nickel-binding periplasmic protein'
2 non-polymer 'FE (III) ION'
3 non-polymer 'ACETATE ION'
4 non-polymer 'SULFATE ION'
5 non-polymer 'CHLORIDE ION'
6 non-polymer '{[-(BIS-CARBOXYMETHYL-AMINO)-ETHYL]-CARBOXYMETHYL-AMINO}-ACETIC ACID'
7 non-polymer 2,3-DIHYDROXY-1,4-DITHIOBUTANE
8 non-polymer GLYCEROL
9 water water
#
_entity_poly.entity_id   1
_entity_poly.type   'polypeptide(L)'
_entity_poly.pdbx_seq_one_letter_code
;AAPDEITTAWPVNVGPLNPHLYTPNQMFAQSMVYEPLVKYQADGSVIPWLAKSWTHSEDGKTWTFTLRDDVKFSNGEPFD
AEAAAENFRAVLDNRQRHAWLELANQIVDVKALSKTELQITLKSAYYPFLQELALPRPFRFIAPSQFKNHETMNGIKAPI
GTGPWILQESKLNQYDVFVRNENYWGEKPAIKKITFNVIPDPTTRAVAFETGDIDLLYGNEGLLPLDTFARFSQNPAYHT
QLSQPIETVMLALNTAKAPTNELAVREALNYAVNKKSLIDNALYGTQQVADTLFAPSVPYANLGLKPSQYDPQKAKALLE
KAGWTLPAGKDIREKNGQPLRIELSFIGTDALSKSMAEIIQADMRQIGADVSLIGEEESSIYARQRDGRFGMIFHRTWGA
PYDPHAFLSSMRVPSHADFQAQQGLADKPLIDKEIGEVLATHDETQRQALYRDILTRLHDEAVYLPISYISMMVVSKPEL
GNIPYAPIATEIPFEQIKPVKP
;
_entity_poly.pdbx_strand_id   A,B
#
loop_
_chem_comp.id
_chem_comp.type
_chem_comp.name
_chem_comp.formula
ACT non-polymer 'ACETATE ION' 'C2 H3 O2 -1'
CL non-polymer 'CHLORIDE ION' 'Cl -1'
DTT non-polymer 2,3-DIHYDROXY-1,4-DITHIOBUTANE 'C4 H10 O2 S2'
EDT non-polymer '{[-(BIS-CARBOXYMETHYL-AMINO)-ETHYL]-CARBOXYMETHYL-AMINO}-ACETIC ACID' 'C10 H16 N2 O8'
FE non-polymer 'FE (III) ION' 'Fe 3'
GOL non-polymer GLYCEROL 'C3 H8 O3'
SO4 non-polymer 'SULFATE ION' 'O4 S -2'
#
# COMPACT_ATOMS: atom_id res chain seq x y z
N PRO A 3 9.97 -26.02 -1.40
CA PRO A 3 11.41 -25.76 -1.35
C PRO A 3 11.81 -25.00 -0.08
N ASP A 4 13.08 -25.14 0.32
CA ASP A 4 13.65 -24.32 1.39
C ASP A 4 15.02 -23.72 1.02
N GLU A 5 15.41 -23.88 -0.24
CA GLU A 5 16.56 -23.14 -0.79
C GLU A 5 16.09 -22.46 -2.03
N ILE A 6 16.42 -21.18 -2.18
CA ILE A 6 16.07 -20.46 -3.40
C ILE A 6 17.26 -19.84 -4.13
N THR A 7 17.08 -19.63 -5.44
CA THR A 7 18.09 -19.01 -6.27
C THR A 7 17.45 -17.84 -6.95
N THR A 8 18.14 -16.71 -6.85
CA THR A 8 17.60 -15.48 -7.38
C THR A 8 18.70 -14.79 -8.14
N ALA A 9 18.51 -13.53 -8.49
CA ALA A 9 19.53 -12.82 -9.25
C ALA A 9 19.54 -11.38 -8.81
N TRP A 10 20.69 -10.72 -9.05
CA TRP A 10 20.85 -9.29 -8.81
C TRP A 10 21.81 -8.73 -9.88
N PRO A 11 21.64 -7.45 -10.29
CA PRO A 11 22.53 -6.96 -11.36
C PRO A 11 24.01 -6.86 -10.95
N VAL A 12 24.28 -6.81 -9.64
CA VAL A 12 25.64 -6.73 -9.10
C VAL A 12 25.76 -7.60 -7.85
N ASN A 13 26.99 -7.82 -7.37
CA ASN A 13 27.20 -8.45 -6.04
C ASN A 13 26.66 -7.59 -4.95
N VAL A 14 26.47 -8.22 -3.79
CA VAL A 14 25.90 -7.51 -2.68
C VAL A 14 26.92 -6.51 -2.09
N GLY A 15 28.19 -6.73 -2.39
CA GLY A 15 29.28 -5.87 -1.89
C GLY A 15 29.92 -6.50 -0.65
N PRO A 16 30.84 -5.78 0.02
CA PRO A 16 31.48 -6.39 1.21
C PRO A 16 30.61 -6.40 2.47
N LEU A 17 29.44 -5.76 2.40
CA LEU A 17 28.44 -5.69 3.46
C LEU A 17 28.99 -4.97 4.69
N ASN A 18 29.64 -3.87 4.41
CA ASN A 18 29.94 -2.92 5.46
C ASN A 18 28.61 -2.24 5.81
N PRO A 19 28.15 -2.31 7.07
CA PRO A 19 26.82 -1.74 7.38
C PRO A 19 26.81 -0.22 7.27
N HIS A 20 28.00 0.39 7.26
CA HIS A 20 28.09 1.83 7.43
C HIS A 20 28.48 2.61 6.20
N LEU A 21 28.57 1.91 5.08
CA LEU A 21 29.02 2.50 3.82
C LEU A 21 27.98 2.25 2.71
N TYR A 22 28.25 2.81 1.53
CA TYR A 22 27.27 2.88 0.44
C TYR A 22 27.77 2.05 -0.73
N THR A 23 27.74 2.53 -1.98
CA THR A 23 28.38 1.81 -3.08
C THR A 23 29.72 1.16 -2.71
N PRO A 24 29.93 -0.10 -3.09
CA PRO A 24 29.12 -1.07 -3.86
C PRO A 24 28.20 -1.97 -2.98
N ASN A 25 28.06 -1.65 -1.70
CA ASN A 25 27.07 -2.35 -0.83
C ASN A 25 25.64 -2.19 -1.29
N GLN A 26 24.88 -3.31 -1.33
CA GLN A 26 23.48 -3.26 -1.71
C GLN A 26 22.60 -3.20 -0.47
N MET A 27 21.74 -2.20 -0.39
CA MET A 27 20.90 -1.98 0.79
C MET A 27 20.13 -3.23 1.21
N PHE A 28 19.55 -3.97 0.26
CA PHE A 28 18.69 -5.07 0.66
C PHE A 28 19.52 -6.15 1.36
N ALA A 29 20.77 -6.30 0.95
CA ALA A 29 21.70 -7.28 1.55
C ALA A 29 22.23 -6.82 2.92
N GLN A 30 22.57 -5.53 3.03
CA GLN A 30 22.85 -4.96 4.35
C GLN A 30 21.67 -5.18 5.32
N SER A 31 20.44 -5.05 4.84
CA SER A 31 19.28 -5.29 5.71
C SER A 31 19.00 -6.75 6.03
N MET A 32 19.57 -7.66 5.25
CA MET A 32 19.43 -9.10 5.53
C MET A 32 20.29 -9.50 6.73
N VAL A 33 21.44 -8.84 6.86
CA VAL A 33 22.47 -9.21 7.84
C VAL A 33 22.41 -8.33 9.07
N TYR A 34 22.16 -7.03 8.85
CA TYR A 34 22.19 -6.04 9.94
C TYR A 34 20.82 -5.52 10.31
N GLU A 35 20.65 -5.19 11.60
CA GLU A 35 19.36 -4.80 12.12
C GLU A 35 19.40 -3.44 12.80
N PRO A 36 18.25 -2.77 12.85
CA PRO A 36 18.13 -1.47 13.51
C PRO A 36 17.64 -1.57 14.93
N LEU A 37 17.77 -0.46 15.68
CA LEU A 37 17.18 -0.38 17.02
C LEU A 37 15.65 -0.50 16.98
N VAL A 38 15.07 0.07 15.94
CA VAL A 38 13.63 0.16 15.80
C VAL A 38 13.29 -0.15 14.35
N LYS A 39 12.13 -0.77 14.12
CA LYS A 39 11.82 -1.30 12.80
C LYS A 39 10.64 -0.57 12.17
N TYR A 40 10.81 -0.19 10.91
CA TYR A 40 9.80 0.58 10.18
C TYR A 40 8.61 -0.29 9.76
N GLN A 41 7.40 0.23 9.94
CA GLN A 41 6.18 -0.53 9.61
C GLN A 41 5.49 0.17 8.45
N ALA A 42 4.67 -0.57 7.72
CA ALA A 42 3.99 0.00 6.56
C ALA A 42 3.10 1.20 6.92
N ASP A 43 2.58 1.25 8.15
CA ASP A 43 1.73 2.40 8.55
C ASP A 43 2.51 3.67 8.90
N GLY A 44 3.83 3.65 8.73
CA GLY A 44 4.64 4.82 9.00
C GLY A 44 5.23 4.83 10.40
N SER A 45 4.78 3.90 11.22
CA SER A 45 5.25 3.84 12.59
C SER A 45 6.53 3.00 12.64
N VAL A 46 7.23 3.08 13.77
CA VAL A 46 8.31 2.16 14.04
C VAL A 46 7.88 1.30 15.24
N ILE A 47 8.39 0.07 15.31
CA ILE A 47 8.14 -0.83 16.43
C ILE A 47 9.48 -1.12 17.12
N PRO A 48 9.45 -1.55 18.40
CA PRO A 48 10.67 -1.99 19.06
C PRO A 48 11.36 -3.12 18.28
N TRP A 49 12.68 -3.08 18.21
CA TRP A 49 13.38 -4.15 17.53
C TRP A 49 14.56 -4.54 18.41
N LEU A 50 15.79 -4.15 18.09
CA LEU A 50 16.89 -4.37 19.06
C LEU A 50 16.67 -3.54 20.35
N ALA A 51 16.03 -2.39 20.22
CA ALA A 51 15.58 -1.61 21.39
C ALA A 51 14.16 -2.09 21.74
N LYS A 52 13.98 -2.54 22.98
CA LYS A 52 12.64 -2.93 23.37
C LYS A 52 11.71 -1.77 23.73
N SER A 53 12.28 -0.65 24.20
CA SER A 53 11.52 0.55 24.54
C SER A 53 12.45 1.75 24.52
N TRP A 54 11.87 2.94 24.66
CA TRP A 54 12.65 4.17 24.75
C TRP A 54 11.85 5.30 25.35
N THR A 55 12.57 6.32 25.78
CA THR A 55 12.00 7.54 26.32
C THR A 55 12.80 8.71 25.78
N HIS A 56 12.19 9.88 25.76
CA HIS A 56 12.94 11.07 25.41
C HIS A 56 12.67 12.18 26.40
N SER A 57 13.66 13.06 26.56
CA SER A 57 13.58 14.23 27.41
C SER A 57 12.47 15.18 26.94
N GLU A 58 12.20 16.18 27.77
CA GLU A 58 11.18 17.17 27.46
C GLU A 58 11.54 18.01 26.23
N ASP A 59 12.79 18.44 26.15
CA ASP A 59 13.24 19.19 25.00
C ASP A 59 13.42 18.34 23.72
N GLY A 60 13.19 17.03 23.86
CA GLY A 60 13.29 16.08 22.74
C GLY A 60 14.69 15.89 22.19
N LYS A 61 15.71 16.30 22.95
CA LYS A 61 17.09 16.24 22.48
C LYS A 61 17.86 15.00 23.00
N THR A 62 17.46 14.44 24.14
CA THR A 62 18.15 13.23 24.60
C THR A 62 17.16 12.06 24.64
N TRP A 63 17.60 10.93 24.07
CA TRP A 63 16.76 9.76 23.95
C TRP A 63 17.48 8.61 24.62
N THR A 64 16.74 7.82 25.39
CA THR A 64 17.32 6.69 26.10
C THR A 64 16.60 5.39 25.70
N PHE A 65 17.37 4.45 25.13
CA PHE A 65 16.81 3.20 24.64
C PHE A 65 17.14 2.05 25.60
N THR A 66 16.12 1.26 25.93
CA THR A 66 16.32 0.03 26.64
C THR A 66 16.40 -1.06 25.61
N LEU A 67 17.55 -1.71 25.56
CA LEU A 67 17.86 -2.75 24.59
C LEU A 67 17.46 -4.13 25.09
N ARG A 68 17.11 -5.00 24.15
CA ARG A 68 16.98 -6.44 24.41
C ARG A 68 18.26 -6.94 25.06
N ASP A 69 18.13 -7.97 25.88
CA ASP A 69 19.30 -8.50 26.53
C ASP A 69 19.59 -9.91 26.08
N ASP A 70 18.89 -10.37 25.03
CA ASP A 70 19.02 -11.75 24.59
C ASP A 70 19.63 -11.91 23.20
N VAL A 71 20.12 -10.82 22.63
CA VAL A 71 20.52 -10.83 21.23
C VAL A 71 22.03 -11.14 21.09
N LYS A 72 22.39 -12.06 20.20
CA LYS A 72 23.79 -12.28 19.89
C LYS A 72 24.03 -11.99 18.43
N PHE A 73 25.24 -11.48 18.13
CA PHE A 73 25.74 -11.43 16.76
C PHE A 73 25.88 -12.87 16.28
N SER A 74 25.88 -13.07 14.96
CA SER A 74 25.97 -14.42 14.41
C SER A 74 27.25 -15.20 14.82
N ASN A 75 28.31 -14.47 15.20
CA ASN A 75 29.55 -15.09 15.71
C ASN A 75 29.53 -15.40 17.23
N GLY A 76 28.37 -15.23 17.85
CA GLY A 76 28.14 -15.53 19.27
C GLY A 76 28.44 -14.42 20.27
N GLU A 77 29.07 -13.35 19.80
CA GLU A 77 29.34 -12.20 20.63
C GLU A 77 28.04 -11.47 21.01
N PRO A 78 27.98 -10.91 22.23
CA PRO A 78 26.72 -10.28 22.62
C PRO A 78 26.47 -8.95 21.89
N PHE A 79 25.20 -8.71 21.60
CA PHE A 79 24.76 -7.37 21.27
C PHE A 79 24.33 -6.71 22.58
N ASP A 80 24.91 -5.57 22.86
CA ASP A 80 24.60 -4.80 24.09
C ASP A 80 24.77 -3.31 23.80
N ALA A 81 24.53 -2.48 24.80
CA ALA A 81 24.56 -1.05 24.54
C ALA A 81 25.96 -0.58 24.18
N GLU A 82 26.97 -1.25 24.71
CA GLU A 82 28.35 -0.90 24.38
C GLU A 82 28.64 -1.18 22.88
N ALA A 83 28.16 -2.30 22.37
CA ALA A 83 28.32 -2.61 20.94
C ALA A 83 27.58 -1.58 20.09
N ALA A 84 26.37 -1.21 20.54
CA ALA A 84 25.56 -0.23 19.78
C ALA A 84 26.27 1.13 19.77
N ALA A 85 26.79 1.53 20.93
CA ALA A 85 27.48 2.81 21.04
C ALA A 85 28.72 2.86 20.14
N GLU A 86 29.47 1.77 20.10
CA GLU A 86 30.64 1.71 19.24
C GLU A 86 30.30 1.80 17.77
N ASN A 87 29.16 1.23 17.39
CA ASN A 87 28.69 1.36 16.01
C ASN A 87 28.35 2.81 15.66
N PHE A 88 27.65 3.49 16.55
CA PHE A 88 27.35 4.91 16.31
C PHE A 88 28.62 5.76 16.16
N ARG A 89 29.60 5.52 17.04
CA ARG A 89 30.91 6.16 16.93
C ARG A 89 31.56 5.89 15.59
N ALA A 90 31.55 4.63 15.18
CA ALA A 90 32.14 4.25 13.90
C ALA A 90 31.50 4.97 12.71
N VAL A 91 30.17 5.09 12.75
CA VAL A 91 29.43 5.79 11.68
C VAL A 91 29.79 7.28 11.68
N LEU A 92 29.73 7.88 12.86
CA LEU A 92 29.92 9.33 13.00
C LEU A 92 31.36 9.75 12.86
N ASP A 93 32.28 8.79 12.92
CA ASP A 93 33.68 9.06 12.60
C ASP A 93 33.84 9.34 11.11
N ASN A 94 32.80 9.02 10.33
CA ASN A 94 32.78 9.28 8.89
C ASN A 94 31.67 10.28 8.55
N ARG A 95 31.48 11.27 9.42
CA ARG A 95 30.23 12.05 9.44
C ARG A 95 29.91 12.72 8.10
N GLN A 96 30.93 13.30 7.46
CA GLN A 96 30.70 14.02 6.20
C GLN A 96 30.13 13.13 5.08
N ARG A 97 30.43 11.85 5.11
CA ARG A 97 29.86 10.91 4.10
C ARG A 97 28.35 10.71 4.29
N HIS A 98 27.87 10.95 5.49
CA HIS A 98 26.43 10.78 5.80
C HIS A 98 25.61 12.06 5.73
N ALA A 99 26.15 13.08 5.08
CA ALA A 99 25.50 14.43 5.00
C ALA A 99 24.07 14.46 4.48
N TRP A 100 23.81 13.62 3.48
CA TRP A 100 22.51 13.50 2.88
C TRP A 100 21.46 13.21 3.94
N LEU A 101 21.86 12.54 5.03
CA LEU A 101 20.94 12.10 6.08
C LEU A 101 21.11 12.98 7.28
N GLU A 102 20.12 13.79 7.59
CA GLU A 102 20.29 14.83 8.61
C GLU A 102 20.59 14.28 10.01
N LEU A 103 20.12 13.06 10.31
CA LEU A 103 20.36 12.48 11.64
C LEU A 103 21.85 12.49 11.94
N ALA A 104 22.66 12.22 10.92
CA ALA A 104 24.12 12.12 11.07
C ALA A 104 24.75 13.47 11.44
N ASN A 105 24.05 14.55 11.12
CA ASN A 105 24.50 15.90 11.50
C ASN A 105 23.96 16.30 12.86
N GLN A 106 22.97 15.55 13.34
CA GLN A 106 22.24 15.89 14.57
C GLN A 106 22.79 15.23 15.82
N ILE A 107 23.38 14.04 15.68
CA ILE A 107 23.83 13.30 16.86
C ILE A 107 25.08 13.94 17.48
N VAL A 108 24.95 14.39 18.74
CA VAL A 108 26.04 15.00 19.53
C VAL A 108 26.86 13.95 20.26
N ASP A 109 26.18 12.94 20.79
CA ASP A 109 26.79 12.00 21.69
C ASP A 109 25.97 10.71 21.71
N VAL A 110 26.65 9.56 21.82
CA VAL A 110 25.97 8.27 22.07
C VAL A 110 26.74 7.54 23.15
N LYS A 111 26.06 7.18 24.25
CA LYS A 111 26.70 6.53 25.40
C LYS A 111 25.93 5.33 25.86
N ALA A 112 26.65 4.26 26.17
CA ALA A 112 26.08 3.12 26.86
C ALA A 112 26.09 3.46 28.35
N LEU A 113 24.90 3.62 28.92
CA LEU A 113 24.74 3.88 30.37
C LEU A 113 24.84 2.58 31.20
N SER A 114 24.59 1.47 30.52
CA SER A 114 24.69 0.10 31.08
C SER A 114 24.65 -0.84 29.91
N LYS A 115 24.65 -2.16 30.17
CA LYS A 115 24.52 -3.16 29.09
C LYS A 115 23.21 -3.02 28.31
N THR A 116 22.17 -2.50 28.95
CA THR A 116 20.87 -2.45 28.33
C THR A 116 20.35 -1.03 28.06
N GLU A 117 21.07 0.00 28.51
CA GLU A 117 20.58 1.36 28.38
C GLU A 117 21.52 2.14 27.47
N LEU A 118 20.97 2.63 26.37
CA LEU A 118 21.72 3.40 25.39
C LEU A 118 21.16 4.81 25.26
N GLN A 119 21.99 5.82 25.47
CA GLN A 119 21.55 7.21 25.39
C GLN A 119 22.13 7.95 24.17
N ILE A 120 21.24 8.56 23.39
CA ILE A 120 21.58 9.33 22.22
C ILE A 120 21.20 10.78 22.44
N THR A 121 22.14 11.68 22.24
CA THR A 121 21.86 13.11 22.37
C THR A 121 21.92 13.81 21.03
N LEU A 122 20.95 14.68 20.76
CA LEU A 122 20.89 15.39 19.49
C LEU A 122 21.07 16.86 19.74
N LYS A 123 21.59 17.58 18.73
CA LYS A 123 21.76 19.02 18.87
C LYS A 123 20.42 19.76 18.80
N SER A 124 19.44 19.16 18.12
CA SER A 124 18.08 19.71 18.10
C SER A 124 17.03 18.61 18.15
N ALA A 125 15.76 19.00 18.37
CA ALA A 125 14.64 18.08 18.42
C ALA A 125 14.25 17.61 17.00
N TYR A 126 15.11 16.78 16.43
CA TYR A 126 14.93 16.25 15.10
C TYR A 126 13.77 15.22 15.04
N TYR A 127 12.65 15.57 14.37
CA TYR A 127 11.43 14.73 14.36
C TYR A 127 11.58 13.35 13.67
N PRO A 128 12.26 13.26 12.50
CA PRO A 128 12.32 11.94 11.90
C PRO A 128 13.39 11.01 12.51
N PHE A 129 13.82 11.30 13.73
CA PHE A 129 14.85 10.50 14.45
C PHE A 129 14.67 8.96 14.37
N LEU A 130 13.54 8.45 14.86
CA LEU A 130 13.30 7.01 14.87
C LEU A 130 13.21 6.38 13.47
N GLN A 131 12.53 7.07 12.56
CA GLN A 131 12.41 6.65 11.17
C GLN A 131 13.79 6.52 10.52
N GLU A 132 14.69 7.44 10.85
CA GLU A 132 16.06 7.39 10.29
C GLU A 132 16.93 6.30 10.94
N LEU A 133 16.72 6.02 12.22
CA LEU A 133 17.33 4.84 12.84
C LEU A 133 16.85 3.54 12.19
N ALA A 134 15.64 3.56 11.63
CA ALA A 134 15.04 2.34 11.02
C ALA A 134 15.61 1.99 9.63
N LEU A 135 16.31 2.93 9.01
CA LEU A 135 16.79 2.75 7.61
C LEU A 135 17.82 1.60 7.49
N PRO A 136 17.95 1.00 6.29
CA PRO A 136 18.92 -0.07 6.00
C PRO A 136 20.35 0.34 6.41
N ARG A 137 20.68 1.61 6.23
CA ARG A 137 22.00 2.15 6.57
C ARG A 137 21.87 3.65 6.83
N PRO A 138 22.81 4.23 7.57
CA PRO A 138 23.98 3.57 8.19
C PRO A 138 23.86 3.11 9.65
N PHE A 139 22.71 3.27 10.31
CA PHE A 139 22.66 3.03 11.76
C PHE A 139 22.25 1.59 12.13
N ARG A 140 22.96 0.64 11.55
CA ARG A 140 22.75 -0.76 11.93
C ARG A 140 24.05 -1.33 12.43
N PHE A 141 24.01 -2.52 13.02
CA PHE A 141 25.07 -2.92 13.97
C PHE A 141 25.85 -4.14 13.53
N ILE A 142 27.15 -3.94 13.35
CA ILE A 142 28.14 -5.01 13.13
C ILE A 142 28.86 -5.30 14.44
N ALA A 143 29.25 -6.55 14.64
CA ALA A 143 30.02 -6.90 15.86
C ALA A 143 31.26 -6.01 15.90
N PRO A 144 31.49 -5.25 17.00
CA PRO A 144 32.69 -4.40 17.06
C PRO A 144 34.03 -5.14 16.93
N SER A 145 34.07 -6.43 17.23
CA SER A 145 35.30 -7.22 16.93
C SER A 145 35.69 -7.23 15.45
N GLN A 146 34.73 -6.89 14.59
CA GLN A 146 34.98 -6.89 13.14
C GLN A 146 35.34 -5.51 12.57
N PHE A 147 35.47 -4.52 13.46
CA PHE A 147 36.04 -3.21 13.10
C PHE A 147 37.50 -3.42 12.68
N LYS A 148 38.00 -2.52 11.86
CA LYS A 148 39.42 -2.50 11.54
C LYS A 148 40.01 -1.27 12.24
N ASN A 149 40.97 -1.49 13.15
CA ASN A 149 41.55 -0.41 14.02
C ASN A 149 40.44 0.41 14.69
N HIS A 150 39.42 -0.29 15.16
CA HIS A 150 38.32 0.29 15.93
C HIS A 150 37.51 1.27 15.07
N GLU A 151 37.56 1.10 13.75
CA GLU A 151 36.69 1.87 12.86
C GLU A 151 35.99 0.94 11.84
N THR A 152 35.03 1.50 11.11
CA THR A 152 34.45 0.79 9.94
C THR A 152 34.60 1.58 8.65
N MET A 153 34.89 2.87 8.77
CA MET A 153 34.99 3.72 7.57
C MET A 153 36.11 3.30 6.62
N ASN A 154 37.10 2.58 7.13
CA ASN A 154 38.19 2.05 6.31
C ASN A 154 38.05 0.57 6.01
N GLY A 155 36.85 0.04 6.19
CA GLY A 155 36.63 -1.39 5.95
C GLY A 155 36.33 -2.15 7.23
N ILE A 156 35.81 -3.36 7.04
CA ILE A 156 35.48 -4.26 8.14
C ILE A 156 36.15 -5.61 7.88
N LYS A 157 36.08 -6.48 8.86
CA LYS A 157 36.67 -7.82 8.73
C LYS A 157 35.52 -8.70 8.23
N ALA A 158 34.94 -9.55 9.07
CA ALA A 158 33.78 -10.35 8.61
C ALA A 158 32.48 -9.54 8.79
N PRO A 159 31.53 -9.65 7.84
CA PRO A 159 30.25 -8.90 7.93
C PRO A 159 29.23 -9.48 8.94
N ILE A 160 29.53 -9.34 10.23
CA ILE A 160 28.82 -10.09 11.26
C ILE A 160 27.73 -9.23 11.87
N GLY A 161 26.49 -9.62 11.64
CA GLY A 161 25.36 -8.90 12.19
C GLY A 161 24.57 -9.76 13.13
N THR A 162 23.41 -9.23 13.52
CA THR A 162 22.48 -9.94 14.39
C THR A 162 21.31 -10.48 13.59
N GLY A 163 21.28 -10.21 12.29
CA GLY A 163 20.10 -10.44 11.46
C GLY A 163 19.79 -11.90 11.14
N PRO A 164 18.63 -12.13 10.49
CA PRO A 164 18.16 -13.50 10.17
C PRO A 164 18.99 -14.23 9.10
N TRP A 165 19.88 -13.52 8.38
CA TRP A 165 20.71 -14.09 7.32
C TRP A 165 22.20 -13.84 7.60
N ILE A 166 23.01 -14.81 7.18
CA ILE A 166 24.46 -14.74 7.31
C ILE A 166 25.05 -14.94 5.93
N LEU A 167 25.97 -14.07 5.51
CA LEU A 167 26.68 -14.29 4.26
C LEU A 167 27.58 -15.53 4.38
N GLN A 168 27.37 -16.49 3.48
CA GLN A 168 28.19 -17.68 3.47
C GLN A 168 29.44 -17.40 2.65
N GLU A 169 29.23 -16.92 1.42
CA GLU A 169 30.34 -16.63 0.51
C GLU A 169 29.92 -15.71 -0.62
N SER A 170 30.92 -15.04 -1.21
CA SER A 170 30.70 -14.12 -2.31
C SER A 170 31.76 -14.40 -3.33
N LYS A 171 31.38 -14.34 -4.60
CA LYS A 171 32.35 -14.43 -5.68
C LYS A 171 32.07 -13.25 -6.62
N LEU A 172 33.06 -12.37 -6.78
CA LEU A 172 32.87 -11.12 -7.54
C LEU A 172 32.40 -11.42 -8.95
N ASN A 173 31.33 -10.74 -9.38
CA ASN A 173 30.77 -10.95 -10.73
C ASN A 173 30.17 -12.35 -10.98
N GLN A 174 30.04 -13.16 -9.93
CA GLN A 174 29.43 -14.47 -10.09
C GLN A 174 28.19 -14.66 -9.21
N TYR A 175 28.38 -14.69 -7.90
CA TYR A 175 27.28 -14.98 -7.01
C TYR A 175 27.55 -14.49 -5.58
N ASP A 176 26.48 -14.54 -4.78
CA ASP A 176 26.57 -14.38 -3.32
C ASP A 176 25.60 -15.43 -2.74
N VAL A 177 26.02 -16.12 -1.67
CA VAL A 177 25.18 -17.09 -0.99
C VAL A 177 24.93 -16.67 0.47
N PHE A 178 23.66 -16.65 0.89
CA PHE A 178 23.28 -16.39 2.26
C PHE A 178 22.65 -17.61 2.87
N VAL A 179 22.89 -17.84 4.16
CA VAL A 179 22.16 -18.90 4.83
C VAL A 179 21.39 -18.33 6.03
N ARG A 180 20.38 -19.06 6.46
CA ARG A 180 19.62 -18.67 7.64
C ARG A 180 20.52 -18.67 8.89
N ASN A 181 20.35 -17.64 9.71
CA ASN A 181 21.00 -17.57 11.03
C ASN A 181 20.27 -18.48 12.02
N GLU A 182 20.91 -19.58 12.39
CA GLU A 182 20.26 -20.57 13.25
C GLU A 182 20.24 -20.16 14.71
N ASN A 183 20.92 -19.07 15.05
CA ASN A 183 20.93 -18.56 16.41
C ASN A 183 20.37 -17.15 16.41
N TYR A 184 19.48 -16.89 15.46
CA TYR A 184 18.71 -15.62 15.39
C TYR A 184 17.80 -15.42 16.61
N TRP A 185 17.78 -14.20 17.15
CA TRP A 185 16.90 -13.88 18.29
C TRP A 185 15.40 -13.90 18.00
N GLY A 186 15.04 -13.64 16.75
CA GLY A 186 13.63 -13.53 16.39
C GLY A 186 13.15 -14.81 15.71
N GLU A 187 12.16 -14.64 14.82
CA GLU A 187 11.52 -15.74 14.11
C GLU A 187 12.48 -16.33 13.07
N LYS A 188 12.54 -17.64 13.01
CA LYS A 188 13.40 -18.34 12.06
C LYS A 188 12.79 -18.28 10.65
N PRO A 189 13.55 -17.83 9.64
CA PRO A 189 13.02 -17.93 8.27
C PRO A 189 12.72 -19.37 7.83
N ALA A 190 11.69 -19.54 7.01
CA ALA A 190 11.37 -20.84 6.38
C ALA A 190 12.46 -21.23 5.40
N ILE A 191 12.99 -20.24 4.68
CA ILE A 191 14.07 -20.50 3.69
C ILE A 191 15.43 -20.62 4.40
N LYS A 192 16.23 -21.61 3.99
CA LYS A 192 17.48 -21.92 4.68
C LYS A 192 18.67 -21.32 3.96
N LYS A 193 18.55 -21.20 2.64
CA LYS A 193 19.63 -20.73 1.79
C LYS A 193 19.11 -19.92 0.62
N ILE A 194 19.82 -18.83 0.35
CA ILE A 194 19.51 -17.99 -0.80
C ILE A 194 20.77 -17.74 -1.57
N THR A 195 20.75 -18.12 -2.84
CA THR A 195 21.82 -17.85 -3.77
C THR A 195 21.44 -16.72 -4.74
N PHE A 196 22.27 -15.68 -4.80
CA PHE A 196 22.12 -14.59 -5.75
C PHE A 196 23.09 -14.85 -6.89
N ASN A 197 22.58 -15.09 -8.08
CA ASN A 197 23.43 -15.12 -9.28
C ASN A 197 23.57 -13.70 -9.79
N VAL A 198 24.80 -13.27 -10.09
CA VAL A 198 24.99 -11.91 -10.60
C VAL A 198 24.68 -11.92 -12.11
N ILE A 199 23.65 -11.18 -12.49
CA ILE A 199 23.15 -11.16 -13.88
C ILE A 199 22.80 -9.73 -14.21
N PRO A 200 23.73 -8.97 -14.82
CA PRO A 200 23.53 -7.55 -15.03
C PRO A 200 22.47 -7.15 -16.04
N ASP A 201 22.19 -8.03 -17.02
CA ASP A 201 21.31 -7.68 -18.15
C ASP A 201 19.88 -8.12 -17.90
N PRO A 202 18.90 -7.20 -18.08
CA PRO A 202 17.50 -7.61 -17.81
C PRO A 202 16.99 -8.74 -18.72
N THR A 203 17.39 -8.76 -20.00
CA THR A 203 16.99 -9.86 -20.88
C THR A 203 17.57 -11.19 -20.38
N THR A 204 18.84 -11.16 -19.97
CA THR A 204 19.54 -12.34 -19.49
C THR A 204 18.89 -12.84 -18.17
N ARG A 205 18.42 -11.93 -17.32
CA ARG A 205 17.67 -12.30 -16.11
C ARG A 205 16.36 -13.05 -16.48
N ALA A 206 15.61 -12.51 -17.44
CA ALA A 206 14.38 -13.17 -17.91
C ALA A 206 14.72 -14.57 -18.42
N VAL A 207 15.76 -14.64 -19.26
CA VAL A 207 16.18 -15.93 -19.82
C VAL A 207 16.53 -16.94 -18.72
N ALA A 208 17.28 -16.50 -17.70
CA ALA A 208 17.67 -17.35 -16.58
C ALA A 208 16.43 -17.91 -15.89
N PHE A 209 15.38 -17.11 -15.81
CA PHE A 209 14.13 -17.59 -15.22
C PHE A 209 13.44 -18.61 -16.13
N GLU A 210 13.33 -18.30 -17.40
CA GLU A 210 12.68 -19.21 -18.34
C GLU A 210 13.32 -20.59 -18.38
N THR A 211 14.63 -20.63 -18.15
CA THR A 211 15.37 -21.90 -18.26
C THR A 211 15.35 -22.68 -16.95
N GLY A 212 14.82 -22.07 -15.89
CA GLY A 212 14.85 -22.65 -14.55
C GLY A 212 16.14 -22.45 -13.78
N ASP A 213 17.08 -21.66 -14.31
CA ASP A 213 18.34 -21.35 -13.61
C ASP A 213 18.11 -20.61 -12.29
N ILE A 214 17.08 -19.75 -12.27
CA ILE A 214 16.74 -19.02 -11.03
C ILE A 214 15.26 -19.25 -10.74
N ASP A 215 14.85 -18.97 -9.50
CA ASP A 215 13.52 -19.28 -8.96
C ASP A 215 12.69 -18.02 -8.70
N LEU A 216 13.37 -16.88 -8.64
CA LEU A 216 12.75 -15.64 -8.15
C LEU A 216 13.46 -14.43 -8.72
N LEU A 217 12.68 -13.48 -9.21
CA LEU A 217 13.19 -12.18 -9.57
C LEU A 217 12.35 -11.16 -8.82
N TYR A 218 12.99 -10.17 -8.23
CA TYR A 218 12.28 -9.21 -7.38
C TYR A 218 13.02 -7.89 -7.59
N GLY A 219 12.30 -6.82 -7.96
CA GLY A 219 12.96 -5.53 -8.16
C GLY A 219 12.02 -4.51 -8.73
N ASN A 220 12.56 -3.40 -9.23
CA ASN A 220 11.73 -2.30 -9.66
C ASN A 220 11.42 -2.46 -11.16
N GLU A 221 11.03 -1.37 -11.83
CA GLU A 221 10.62 -1.45 -13.25
C GLU A 221 11.71 -1.94 -14.22
N GLY A 222 12.96 -1.90 -13.77
CA GLY A 222 14.14 -2.32 -14.54
C GLY A 222 14.46 -3.79 -14.38
N LEU A 223 13.64 -4.51 -13.62
CA LEU A 223 13.98 -5.90 -13.27
C LEU A 223 14.13 -6.80 -14.49
N LEU A 224 13.21 -6.67 -15.44
CA LEU A 224 13.28 -7.47 -16.67
C LEU A 224 12.52 -6.67 -17.72
N PRO A 225 12.63 -7.06 -19.00
CA PRO A 225 11.89 -6.29 -20.02
C PRO A 225 10.42 -6.37 -19.71
N LEU A 226 9.76 -5.21 -19.77
CA LEU A 226 8.39 -5.14 -19.37
C LEU A 226 7.44 -5.84 -20.34
N ASP A 227 7.82 -5.95 -21.62
CA ASP A 227 7.05 -6.80 -22.55
C ASP A 227 7.04 -8.25 -22.08
N THR A 228 8.20 -8.68 -21.59
CA THR A 228 8.39 -10.06 -21.14
C THR A 228 7.63 -10.27 -19.85
N PHE A 229 7.69 -9.29 -18.96
CA PHE A 229 6.92 -9.38 -17.73
C PHE A 229 5.42 -9.57 -18.01
N ALA A 230 4.87 -8.78 -18.92
CA ALA A 230 3.46 -8.90 -19.31
C ALA A 230 3.14 -10.32 -19.83
N ARG A 231 4.00 -10.86 -20.67
CA ARG A 231 3.86 -12.20 -21.19
C ARG A 231 3.92 -13.21 -20.06
N PHE A 232 4.89 -13.04 -19.15
CA PHE A 232 5.02 -13.94 -18.00
C PHE A 232 3.75 -13.92 -17.14
N SER A 233 3.13 -12.76 -17.01
CA SER A 233 1.95 -12.62 -16.14
C SER A 233 0.76 -13.45 -16.69
N GLN A 234 0.77 -13.77 -17.98
CA GLN A 234 -0.27 -14.63 -18.59
C GLN A 234 0.12 -16.09 -18.65
N ASN A 235 1.37 -16.39 -18.32
CA ASN A 235 1.90 -17.74 -18.45
C ASN A 235 1.53 -18.56 -17.23
N PRO A 236 0.71 -19.59 -17.41
CA PRO A 236 0.21 -20.32 -16.25
C PRO A 236 1.24 -21.13 -15.48
N ALA A 237 2.42 -21.33 -16.06
CA ALA A 237 3.54 -22.02 -15.41
C ALA A 237 4.29 -21.10 -14.42
N TYR A 238 4.04 -19.79 -14.55
CA TYR A 238 4.78 -18.79 -13.78
C TYR A 238 3.91 -18.10 -12.75
N HIS A 239 4.53 -17.39 -11.80
CA HIS A 239 3.79 -16.50 -10.91
C HIS A 239 4.39 -15.11 -11.09
N THR A 240 3.54 -14.09 -11.17
CA THR A 240 4.06 -12.73 -11.23
C THR A 240 3.25 -11.87 -10.27
N GLN A 241 3.85 -10.78 -9.81
CA GLN A 241 3.16 -9.76 -8.98
C GLN A 241 3.61 -8.37 -9.41
N LEU A 242 2.74 -7.38 -9.17
CA LEU A 242 3.06 -5.98 -9.43
C LEU A 242 2.53 -5.30 -8.19
N SER A 243 3.39 -4.62 -7.44
CA SER A 243 2.99 -4.01 -6.18
C SER A 243 2.19 -2.73 -6.47
N GLN A 244 1.62 -2.15 -5.43
CA GLN A 244 1.15 -0.76 -5.57
C GLN A 244 2.40 0.14 -5.69
N PRO A 245 2.24 1.35 -6.27
CA PRO A 245 3.46 2.17 -6.50
C PRO A 245 4.25 2.51 -5.27
N ILE A 246 5.57 2.60 -5.44
CA ILE A 246 6.48 2.80 -4.32
C ILE A 246 7.23 4.13 -4.38
N GLU A 247 7.39 4.70 -5.58
CA GLU A 247 8.14 5.98 -5.69
C GLU A 247 7.92 6.56 -7.08
N THR A 248 8.37 7.80 -7.26
CA THR A 248 8.18 8.56 -8.51
C THR A 248 9.41 8.51 -9.36
N VAL A 249 9.20 8.37 -10.68
CA VAL A 249 10.24 8.58 -11.65
C VAL A 249 9.88 9.86 -12.42
N MET A 250 10.88 10.70 -12.64
CA MET A 250 10.65 12.05 -13.18
C MET A 250 11.84 12.49 -14.01
N LEU A 251 11.67 13.59 -14.72
CA LEU A 251 12.81 14.34 -15.16
C LEU A 251 13.05 15.45 -14.15
N ALA A 252 14.31 15.78 -13.94
CA ALA A 252 14.70 16.96 -13.20
C ALA A 252 15.19 17.93 -14.24
N LEU A 253 14.69 19.16 -14.16
CA LEU A 253 15.03 20.21 -15.11
C LEU A 253 16.03 21.20 -14.49
N ASN A 254 17.04 21.59 -15.24
CA ASN A 254 18.07 22.45 -14.63
C ASN A 254 17.69 23.93 -14.67
N THR A 255 17.25 24.43 -13.53
CA THR A 255 16.78 25.80 -13.40
C THR A 255 17.92 26.82 -13.50
N ALA A 256 19.15 26.35 -13.54
CA ALA A 256 20.31 27.25 -13.61
C ALA A 256 20.94 27.22 -15.00
N LYS A 257 20.32 26.55 -15.97
CA LYS A 257 20.99 26.40 -17.26
C LYS A 257 20.02 26.74 -18.36
N ALA A 258 20.44 27.60 -19.31
CA ALA A 258 19.54 27.93 -20.41
C ALA A 258 19.24 26.68 -21.23
N PRO A 259 18.01 26.56 -21.74
CA PRO A 259 16.81 27.37 -21.68
C PRO A 259 15.86 26.93 -20.54
N THR A 260 16.26 25.89 -19.80
CA THR A 260 15.44 25.38 -18.68
C THR A 260 15.50 26.27 -17.45
N ASN A 261 16.32 27.30 -17.53
CA ASN A 261 16.31 28.35 -16.53
C ASN A 261 15.06 29.23 -16.60
N GLU A 262 14.30 29.14 -17.68
CA GLU A 262 13.08 29.92 -17.86
C GLU A 262 11.88 29.14 -17.38
N LEU A 263 11.15 29.73 -16.44
CA LEU A 263 9.92 29.15 -15.89
C LEU A 263 8.96 28.76 -17.02
N ALA A 264 8.80 29.65 -18.01
CA ALA A 264 7.86 29.37 -19.10
C ALA A 264 8.26 28.14 -19.89
N VAL A 265 9.57 27.91 -20.09
CA VAL A 265 10.04 26.70 -20.76
C VAL A 265 9.73 25.46 -19.92
N ARG A 266 10.04 25.51 -18.63
CA ARG A 266 9.79 24.35 -17.77
C ARG A 266 8.30 24.01 -17.69
N GLU A 267 7.47 25.04 -17.60
CA GLU A 267 6.01 24.84 -17.62
C GLU A 267 5.56 24.19 -18.93
N ALA A 268 6.09 24.70 -20.04
CA ALA A 268 5.74 24.17 -21.35
C ALA A 268 6.12 22.69 -21.47
N LEU A 269 7.34 22.33 -21.03
CA LEU A 269 7.75 20.93 -21.06
C LEU A 269 6.77 20.06 -20.26
N ASN A 270 6.31 20.57 -19.13
CA ASN A 270 5.31 19.85 -18.29
C ASN A 270 3.92 19.67 -18.92
N TYR A 271 3.60 20.45 -19.96
CA TYR A 271 2.37 20.21 -20.74
C TYR A 271 2.57 19.37 -22.02
N ALA A 272 3.83 19.05 -22.34
CA ALA A 272 4.13 18.47 -23.66
C ALA A 272 4.08 16.94 -23.71
N VAL A 273 4.06 16.29 -22.53
CA VAL A 273 4.23 14.85 -22.52
C VAL A 273 2.93 14.13 -22.20
N ASN A 274 2.48 13.27 -23.11
CA ASN A 274 1.37 12.40 -22.80
C ASN A 274 1.95 11.22 -22.02
N LYS A 275 1.80 11.27 -20.71
CA LYS A 275 2.49 10.29 -19.85
C LYS A 275 1.82 8.92 -19.95
N LYS A 276 0.51 8.92 -20.17
CA LYS A 276 -0.19 7.65 -20.32
C LYS A 276 0.34 6.95 -21.55
N SER A 277 0.53 7.71 -22.62
CA SER A 277 1.10 7.17 -23.85
C SER A 277 2.54 6.70 -23.67
N LEU A 278 3.35 7.47 -22.93
CA LEU A 278 4.73 7.04 -22.66
C LEU A 278 4.74 5.71 -21.90
N ILE A 279 3.87 5.61 -20.88
CA ILE A 279 3.80 4.39 -20.09
C ILE A 279 3.30 3.20 -20.93
N ASP A 280 2.31 3.45 -21.79
CA ASP A 280 1.78 2.38 -22.62
C ASP A 280 2.74 1.99 -23.74
N ASN A 281 3.58 2.92 -24.16
CA ASN A 281 4.54 2.71 -25.22
C ASN A 281 5.80 2.03 -24.67
N ALA A 282 6.43 2.63 -23.65
CA ALA A 282 7.76 2.18 -23.22
C ALA A 282 7.71 1.21 -22.06
N LEU A 283 6.66 1.31 -21.26
CA LEU A 283 6.54 0.57 -20.01
C LEU A 283 5.43 -0.47 -20.08
N TYR A 284 4.95 -0.71 -21.30
CA TYR A 284 3.94 -1.73 -21.54
C TYR A 284 2.69 -1.62 -20.69
N GLY A 285 2.32 -0.38 -20.34
CA GLY A 285 1.14 -0.11 -19.54
C GLY A 285 1.21 -0.61 -18.10
N THR A 286 2.40 -0.79 -17.56
CA THR A 286 2.57 -1.48 -16.27
C THR A 286 2.70 -0.55 -15.07
N GLN A 287 2.84 0.76 -15.32
CA GLN A 287 3.05 1.74 -14.25
C GLN A 287 1.92 2.79 -14.28
N GLN A 288 1.93 3.70 -13.30
CA GLN A 288 0.87 4.70 -13.15
C GLN A 288 1.38 6.07 -13.55
N VAL A 289 0.51 6.90 -14.12
CA VAL A 289 0.91 8.27 -14.45
C VAL A 289 1.15 9.09 -13.17
N ALA A 290 2.20 9.92 -13.18
CA ALA A 290 2.52 10.82 -12.07
C ALA A 290 2.34 12.28 -12.46
N ASP A 291 1.54 13.02 -11.69
CA ASP A 291 1.33 14.45 -11.98
C ASP A 291 2.17 15.36 -11.05
N THR A 292 2.62 14.81 -9.92
CA THR A 292 3.32 15.56 -8.88
C THR A 292 4.56 14.78 -8.43
N LEU A 293 5.54 15.51 -7.91
CA LEU A 293 6.78 14.92 -7.40
C LEU A 293 6.50 13.75 -6.46
N PHE A 294 5.55 13.97 -5.54
CA PHE A 294 5.09 12.88 -4.65
C PHE A 294 3.67 12.55 -4.95
N ALA A 295 3.37 11.25 -5.01
CA ALA A 295 2.00 10.79 -5.13
C ALA A 295 1.14 11.36 -3.97
N PRO A 296 -0.15 11.63 -4.22
CA PRO A 296 -0.99 12.20 -3.16
C PRO A 296 -1.13 11.25 -1.96
N SER A 297 -0.73 9.99 -2.11
CA SER A 297 -0.74 9.04 -1.00
C SER A 297 0.47 9.15 -0.03
N VAL A 298 1.48 9.93 -0.40
CA VAL A 298 2.69 10.13 0.38
C VAL A 298 2.35 11.05 1.56
N PRO A 299 2.85 10.72 2.75
CA PRO A 299 2.66 11.60 3.90
C PRO A 299 2.96 13.05 3.58
N TYR A 300 2.08 13.93 4.06
CA TYR A 300 2.22 15.39 3.93
C TYR A 300 2.06 15.96 2.52
N ALA A 301 1.73 15.11 1.54
CA ALA A 301 1.81 15.51 0.15
C ALA A 301 0.44 15.51 -0.49
N ASN A 302 -0.62 15.34 0.29
CA ASN A 302 -1.95 15.45 -0.31
C ASN A 302 -2.39 16.89 -0.26
N LEU A 303 -2.02 17.65 -1.27
CA LEU A 303 -2.09 19.12 -1.19
C LEU A 303 -2.98 19.77 -2.25
N GLY A 304 -3.63 18.95 -3.08
CA GLY A 304 -4.49 19.46 -4.15
C GLY A 304 -3.71 20.25 -5.19
N LEU A 305 -2.44 19.88 -5.40
CA LEU A 305 -1.64 20.54 -6.45
C LEU A 305 -2.25 20.28 -7.82
N LYS A 306 -2.22 21.29 -8.69
CA LYS A 306 -2.90 21.18 -9.99
C LYS A 306 -2.02 20.49 -11.01
N PRO A 307 -2.50 19.36 -11.57
CA PRO A 307 -1.71 18.68 -12.60
C PRO A 307 -1.57 19.53 -13.86
N SER A 308 -0.45 19.38 -14.56
CA SER A 308 -0.31 19.93 -15.92
C SER A 308 -0.61 18.78 -16.85
N GLN A 309 -1.87 18.66 -17.23
CA GLN A 309 -2.31 17.57 -18.09
C GLN A 309 -1.77 17.82 -19.49
N TYR A 310 -1.55 16.75 -20.23
CA TYR A 310 -1.03 16.82 -21.59
C TYR A 310 -1.87 17.80 -22.40
N ASP A 311 -1.19 18.81 -22.93
CA ASP A 311 -1.88 19.90 -23.64
C ASP A 311 -0.87 20.68 -24.48
N PRO A 312 -0.56 20.15 -25.66
CA PRO A 312 0.51 20.73 -26.45
C PRO A 312 0.16 22.13 -26.96
N GLN A 313 -1.11 22.43 -27.09
CA GLN A 313 -1.53 23.78 -27.46
C GLN A 313 -1.12 24.78 -26.39
N LYS A 314 -1.36 24.42 -25.13
CA LYS A 314 -0.90 25.25 -24.03
C LYS A 314 0.63 25.39 -23.98
N ALA A 315 1.34 24.27 -24.22
CA ALA A 315 2.81 24.27 -24.21
C ALA A 315 3.36 25.25 -25.27
N LYS A 316 2.80 25.19 -26.46
CA LYS A 316 3.20 26.11 -27.53
C LYS A 316 2.90 27.56 -27.16
N ALA A 317 1.72 27.80 -26.58
CA ALA A 317 1.31 29.16 -26.22
C ALA A 317 2.27 29.72 -25.16
N LEU A 318 2.64 28.89 -24.20
CA LEU A 318 3.59 29.31 -23.16
C LEU A 318 4.94 29.72 -23.76
N LEU A 319 5.42 28.91 -24.69
CA LEU A 319 6.68 29.18 -25.40
C LEU A 319 6.57 30.47 -26.22
N GLU A 320 5.48 30.60 -26.98
CA GLU A 320 5.29 31.81 -27.83
C GLU A 320 5.28 33.07 -26.98
N LYS A 321 4.56 33.03 -25.85
CA LYS A 321 4.44 34.18 -24.97
C LYS A 321 5.80 34.56 -24.38
N ALA A 322 6.67 33.57 -24.19
CA ALA A 322 8.05 33.82 -23.73
C ALA A 322 9.04 34.16 -24.85
N GLY A 323 8.57 34.36 -26.08
CA GLY A 323 9.44 34.76 -27.20
C GLY A 323 10.13 33.64 -27.97
N TRP A 324 9.72 32.41 -27.72
CA TRP A 324 10.27 31.29 -28.45
C TRP A 324 9.36 30.97 -29.64
N THR A 325 9.75 31.43 -30.83
CA THR A 325 8.89 31.28 -32.00
C THR A 325 9.57 30.43 -33.05
N LEU A 326 8.78 29.97 -34.01
CA LEU A 326 9.29 29.09 -35.04
C LEU A 326 9.79 29.90 -36.23
N PRO A 327 11.10 29.77 -36.58
CA PRO A 327 11.59 30.35 -37.86
C PRO A 327 10.86 29.75 -39.05
N ALA A 328 10.82 30.49 -40.16
CA ALA A 328 10.29 29.97 -41.42
C ALA A 328 11.00 28.66 -41.80
N GLY A 329 10.19 27.65 -42.13
CA GLY A 329 10.70 26.35 -42.52
C GLY A 329 11.37 25.52 -41.45
N LYS A 330 11.27 25.93 -40.18
CA LYS A 330 11.89 25.14 -39.12
C LYS A 330 10.87 24.65 -38.09
N ASP A 331 11.16 23.51 -37.50
CA ASP A 331 10.31 22.97 -36.45
C ASP A 331 10.81 23.32 -35.05
N ILE A 332 12.04 23.81 -34.94
CA ILE A 332 12.61 24.13 -33.62
C ILE A 332 12.59 25.61 -33.36
N ARG A 333 12.04 25.99 -32.20
CA ARG A 333 11.88 27.40 -31.86
C ARG A 333 13.24 28.08 -31.63
N GLU A 334 13.22 29.39 -31.78
CA GLU A 334 14.37 30.23 -31.63
C GLU A 334 13.96 31.47 -30.81
N LYS A 335 14.87 31.95 -29.98
CA LYS A 335 14.70 33.20 -29.25
C LYS A 335 16.05 33.89 -29.23
N ASN A 336 16.10 35.12 -29.73
CA ASN A 336 17.35 35.89 -29.76
C ASN A 336 18.42 35.13 -30.54
N GLY A 337 18.01 34.55 -31.69
CA GLY A 337 18.88 33.69 -32.49
C GLY A 337 19.14 32.26 -31.99
N GLN A 338 19.04 32.04 -30.66
CA GLN A 338 19.34 30.74 -30.05
C GLN A 338 18.17 29.74 -30.20
N PRO A 339 18.42 28.53 -30.77
CA PRO A 339 17.47 27.42 -30.77
C PRO A 339 17.05 26.95 -29.38
N LEU A 340 15.82 26.45 -29.30
CA LEU A 340 15.30 25.86 -28.06
C LEU A 340 15.84 24.43 -28.03
N ARG A 341 17.01 24.28 -27.40
CA ARG A 341 17.71 23.01 -27.38
C ARG A 341 18.01 22.64 -25.94
N ILE A 342 17.70 21.39 -25.58
CA ILE A 342 17.83 20.90 -24.22
C ILE A 342 18.54 19.55 -24.27
N GLU A 343 19.55 19.35 -23.44
CA GLU A 343 20.23 18.06 -23.44
C GLU A 343 19.63 17.17 -22.37
N LEU A 344 19.24 15.98 -22.78
CA LEU A 344 18.76 14.93 -21.87
C LEU A 344 19.86 13.85 -21.74
N SER A 345 20.45 13.78 -20.55
CA SER A 345 21.51 12.81 -20.24
C SER A 345 20.92 11.60 -19.55
N PHE A 346 21.34 10.40 -19.97
CA PHE A 346 20.86 9.15 -19.36
C PHE A 346 21.91 8.04 -19.54
N ILE A 347 21.73 6.94 -18.82
CA ILE A 347 22.66 5.82 -18.96
C ILE A 347 22.45 5.15 -20.31
N GLY A 348 23.47 5.24 -21.16
CA GLY A 348 23.34 4.87 -22.56
C GLY A 348 23.00 3.43 -22.85
N THR A 349 23.41 2.53 -21.97
CA THR A 349 23.17 1.10 -22.14
C THR A 349 21.87 0.65 -21.47
N ASP A 350 21.14 1.58 -20.88
CA ASP A 350 19.85 1.24 -20.27
C ASP A 350 18.78 1.40 -21.34
N ALA A 351 18.33 0.27 -21.88
CA ALA A 351 17.34 0.20 -22.95
C ALA A 351 16.05 0.95 -22.59
N LEU A 352 15.63 0.79 -21.34
CA LEU A 352 14.39 1.42 -20.89
C LEU A 352 14.52 2.94 -20.81
N SER A 353 15.61 3.42 -20.21
CA SER A 353 15.91 4.86 -20.20
C SER A 353 15.97 5.40 -21.62
N LYS A 354 16.62 4.64 -22.51
CA LYS A 354 16.76 5.10 -23.91
C LYS A 354 15.40 5.19 -24.57
N SER A 355 14.54 4.20 -24.30
CA SER A 355 13.20 4.20 -24.86
C SER A 355 12.38 5.39 -24.41
N MET A 356 12.39 5.65 -23.09
CA MET A 356 11.67 6.81 -22.57
C MET A 356 12.24 8.12 -23.11
N ALA A 357 13.56 8.21 -23.18
CA ALA A 357 14.23 9.41 -23.73
C ALA A 357 13.79 9.70 -25.18
N GLU A 358 13.69 8.65 -26.00
CA GLU A 358 13.22 8.79 -27.40
C GLU A 358 11.81 9.33 -27.45
N ILE A 359 10.95 8.77 -26.60
CA ILE A 359 9.57 9.29 -26.47
C ILE A 359 9.52 10.75 -26.05
N ILE A 360 10.30 11.11 -25.02
CA ILE A 360 10.37 12.50 -24.53
C ILE A 360 10.87 13.44 -25.63
N GLN A 361 11.92 13.02 -26.33
CA GLN A 361 12.46 13.80 -27.44
C GLN A 361 11.38 14.03 -28.52
N ALA A 362 10.67 12.96 -28.89
CA ALA A 362 9.60 13.07 -29.87
C ALA A 362 8.49 14.03 -29.42
N ASP A 363 8.02 13.88 -28.18
CA ASP A 363 6.95 14.73 -27.65
C ASP A 363 7.40 16.19 -27.63
N MET A 364 8.65 16.43 -27.21
CA MET A 364 9.12 17.82 -27.10
C MET A 364 9.32 18.48 -28.47
N ARG A 365 9.72 17.69 -29.45
CA ARG A 365 9.81 18.19 -30.82
C ARG A 365 8.46 18.68 -31.35
N GLN A 366 7.37 18.03 -30.94
CA GLN A 366 6.03 18.45 -31.35
C GLN A 366 5.65 19.83 -30.88
N ILE A 367 6.30 20.33 -29.82
CA ILE A 367 6.05 21.69 -29.32
C ILE A 367 7.22 22.64 -29.66
N GLY A 368 8.17 22.16 -30.45
CA GLY A 368 9.25 23.02 -30.96
C GLY A 368 10.52 23.10 -30.13
N ALA A 369 10.68 22.13 -29.23
CA ALA A 369 11.88 21.94 -28.44
C ALA A 369 12.75 20.80 -28.96
N ASP A 370 14.05 21.08 -29.10
CA ASP A 370 15.00 20.11 -29.63
C ASP A 370 15.72 19.47 -28.44
N VAL A 371 15.36 18.23 -28.13
CA VAL A 371 16.00 17.51 -27.07
C VAL A 371 17.13 16.68 -27.68
N SER A 372 18.33 16.93 -27.21
CA SER A 372 19.50 16.18 -27.64
C SER A 372 19.73 15.11 -26.60
N LEU A 373 19.86 13.88 -27.07
CA LEU A 373 20.01 12.71 -26.20
C LEU A 373 21.51 12.45 -26.00
N ILE A 374 21.92 12.41 -24.75
CA ILE A 374 23.32 12.17 -24.40
C ILE A 374 23.35 10.91 -23.56
N GLY A 375 23.60 9.78 -24.20
CA GLY A 375 23.72 8.49 -23.52
C GLY A 375 25.16 8.24 -23.16
N GLU A 376 25.43 8.11 -21.86
CA GLU A 376 26.80 7.89 -21.36
C GLU A 376 26.84 6.77 -20.33
N GLU A 377 28.06 6.34 -19.97
CA GLU A 377 28.20 5.37 -18.88
C GLU A 377 27.78 5.95 -17.55
N GLU A 378 27.42 5.04 -16.65
CA GLU A 378 26.92 5.35 -15.32
C GLU A 378 27.76 6.38 -14.56
N SER A 379 29.08 6.19 -14.55
CA SER A 379 30.03 7.10 -13.87
C SER A 379 29.88 8.54 -14.37
N SER A 380 29.79 8.70 -15.68
CA SER A 380 29.63 10.01 -16.30
C SER A 380 28.31 10.65 -15.89
N ILE A 381 27.26 9.85 -15.86
CA ILE A 381 25.94 10.38 -15.52
C ILE A 381 25.90 10.81 -14.06
N TYR A 382 26.50 10.01 -13.17
CA TYR A 382 26.54 10.41 -11.78
C TYR A 382 27.35 11.68 -11.57
N ALA A 383 28.42 11.83 -12.35
CA ALA A 383 29.22 13.05 -12.26
C ALA A 383 28.44 14.26 -12.74
N ARG A 384 27.67 14.11 -13.83
CA ARG A 384 26.80 15.21 -14.28
C ARG A 384 25.79 15.62 -13.22
N GLN A 385 25.21 14.65 -12.52
CA GLN A 385 24.16 14.96 -11.53
C GLN A 385 24.73 15.73 -10.36
N ARG A 386 25.92 15.31 -9.92
CA ARG A 386 26.61 15.87 -8.78
C ARG A 386 26.98 17.33 -9.07
N ASP A 387 27.26 17.61 -10.33
CA ASP A 387 27.89 18.86 -10.71
C ASP A 387 26.98 19.76 -11.54
N GLY A 388 25.75 19.31 -11.79
CA GLY A 388 24.76 20.12 -12.52
C GLY A 388 25.07 20.30 -13.99
N ARG A 389 25.84 19.37 -14.55
CA ARG A 389 26.15 19.38 -15.99
C ARG A 389 25.07 18.61 -16.73
N PHE A 390 23.85 19.13 -16.67
CA PHE A 390 22.73 18.50 -17.38
C PHE A 390 21.69 19.57 -17.67
N GLY A 391 20.91 19.36 -18.73
CA GLY A 391 19.70 20.16 -18.98
C GLY A 391 18.51 19.47 -18.30
N MET A 392 18.33 18.22 -18.67
CA MET A 392 17.35 17.31 -18.04
C MET A 392 18.01 15.97 -17.74
N ILE A 393 17.57 15.34 -16.65
CA ILE A 393 18.00 13.99 -16.30
C ILE A 393 16.80 13.25 -15.78
N PHE A 394 16.85 11.93 -15.92
CA PHE A 394 15.93 11.04 -15.23
C PHE A 394 16.33 11.02 -13.76
N HIS A 395 15.32 10.93 -12.90
CA HIS A 395 15.57 10.97 -11.48
C HIS A 395 14.42 10.25 -10.80
N ARG A 396 14.63 9.74 -9.60
CA ARG A 396 13.56 9.06 -8.90
C ARG A 396 13.57 9.47 -7.44
N THR A 397 12.39 9.42 -6.83
CA THR A 397 12.33 9.55 -5.39
C THR A 397 12.71 8.22 -4.74
N TRP A 398 12.66 8.17 -3.42
CA TRP A 398 13.35 7.07 -2.71
C TRP A 398 12.42 6.09 -2.04
N GLY A 399 11.12 6.36 -2.08
CA GLY A 399 10.14 5.48 -1.46
C GLY A 399 10.07 5.63 0.05
N ALA A 400 9.22 4.83 0.68
CA ALA A 400 9.08 4.87 2.15
C ALA A 400 10.29 4.24 2.81
N PRO A 401 10.72 4.77 3.97
CA PRO A 401 10.18 5.93 4.63
C PRO A 401 10.93 7.23 4.28
N TYR A 402 11.74 7.20 3.24
CA TYR A 402 12.51 8.37 2.84
C TYR A 402 11.62 9.51 2.35
N ASP A 403 10.52 9.18 1.69
CA ASP A 403 9.65 10.19 1.02
C ASP A 403 8.55 10.63 2.02
N PRO A 404 8.39 11.94 2.26
CA PRO A 404 9.14 13.06 1.69
C PRO A 404 10.31 13.56 2.48
N HIS A 405 10.41 13.27 3.79
CA HIS A 405 11.32 14.03 4.64
C HIS A 405 12.80 13.93 4.23
N ALA A 406 13.26 12.72 3.90
CA ALA A 406 14.69 12.50 3.64
C ALA A 406 15.04 12.94 2.24
N PHE A 407 14.11 12.72 1.31
CA PHE A 407 14.31 13.20 -0.05
C PHE A 407 14.43 14.73 -0.03
N LEU A 408 13.56 15.39 0.72
CA LEU A 408 13.61 16.84 0.87
C LEU A 408 14.89 17.29 1.55
N SER A 409 15.22 16.64 2.66
CA SER A 409 16.44 16.97 3.40
C SER A 409 17.64 17.06 2.45
N SER A 410 17.76 16.05 1.60
CA SER A 410 18.88 15.94 0.67
C SER A 410 18.93 16.98 -0.45
N MET A 411 17.83 17.69 -0.66
CA MET A 411 17.79 18.73 -1.68
C MET A 411 18.69 19.88 -1.28
N ARG A 412 19.09 19.89 0.00
CA ARG A 412 19.98 20.93 0.53
C ARG A 412 21.43 20.63 0.28
N VAL A 413 21.75 19.40 -0.09
CA VAL A 413 23.16 18.99 -0.28
C VAL A 413 23.62 19.39 -1.69
N PRO A 414 24.59 20.31 -1.81
CA PRO A 414 24.91 20.84 -3.15
C PRO A 414 25.39 19.83 -4.18
N SER A 415 26.03 18.77 -3.71
CA SER A 415 26.63 17.79 -4.62
C SER A 415 25.63 16.69 -5.02
N HIS A 416 24.34 17.03 -5.10
CA HIS A 416 23.30 16.08 -5.47
C HIS A 416 22.45 16.69 -6.58
N ALA A 417 21.84 15.82 -7.40
CA ALA A 417 21.02 16.28 -8.52
C ALA A 417 19.94 17.30 -8.19
N ASP A 418 19.26 17.11 -7.06
CA ASP A 418 18.11 17.95 -6.73
C ASP A 418 18.52 19.38 -6.44
N PHE A 419 19.55 19.54 -5.61
CA PHE A 419 20.08 20.87 -5.37
C PHE A 419 20.48 21.50 -6.69
N GLN A 420 21.23 20.74 -7.50
CA GLN A 420 21.73 21.22 -8.78
C GLN A 420 20.57 21.66 -9.68
N ALA A 421 19.51 20.83 -9.75
CA ALA A 421 18.36 21.20 -10.59
C ALA A 421 17.67 22.47 -10.07
N GLN A 422 17.67 22.62 -8.75
CA GLN A 422 17.00 23.75 -8.11
C GLN A 422 17.86 25.03 -7.97
N GLN A 423 19.13 24.93 -8.35
CA GLN A 423 20.11 25.96 -7.93
C GLN A 423 19.77 27.37 -8.48
N GLY A 424 19.11 27.43 -9.62
CA GLY A 424 18.74 28.69 -10.25
C GLY A 424 17.45 29.34 -9.74
N LEU A 425 16.73 28.71 -8.82
CA LEU A 425 15.47 29.30 -8.32
C LEU A 425 15.74 30.46 -7.38
N ALA A 426 15.07 31.59 -7.61
CA ALA A 426 15.19 32.73 -6.72
C ALA A 426 14.84 32.38 -5.28
N ASP A 427 13.92 31.44 -5.08
CA ASP A 427 13.51 31.08 -3.73
C ASP A 427 14.18 29.81 -3.22
N LYS A 428 15.23 29.36 -3.90
CA LYS A 428 16.03 28.21 -3.37
C LYS A 428 16.48 28.43 -1.93
N PRO A 429 17.09 29.60 -1.59
CA PRO A 429 17.45 29.76 -0.16
C PRO A 429 16.27 29.61 0.81
N LEU A 430 15.13 30.20 0.47
CA LEU A 430 13.93 30.05 1.29
C LEU A 430 13.50 28.57 1.40
N ILE A 431 13.49 27.87 0.27
CA ILE A 431 13.13 26.44 0.24
C ILE A 431 14.04 25.67 1.19
N ASP A 432 15.35 25.93 1.11
CA ASP A 432 16.32 25.20 1.94
C ASP A 432 16.14 25.55 3.43
N LYS A 433 15.88 26.82 3.71
CA LYS A 433 15.52 27.24 5.06
C LYS A 433 14.29 26.49 5.63
N GLU A 434 13.27 26.37 4.79
CA GLU A 434 12.02 25.74 5.22
C GLU A 434 12.17 24.23 5.39
N ILE A 435 13.03 23.62 4.56
CA ILE A 435 13.37 22.19 4.72
C ILE A 435 14.05 22.01 6.08
N GLY A 436 15.02 22.86 6.41
CA GLY A 436 15.63 22.80 7.75
C GLY A 436 14.56 22.89 8.84
N GLU A 437 13.65 23.84 8.68
CA GLU A 437 12.61 24.09 9.68
C GLU A 437 11.66 22.92 9.84
N VAL A 438 11.23 22.30 8.74
CA VAL A 438 10.25 21.17 8.89
C VAL A 438 10.81 19.99 9.67
N LEU A 439 12.11 19.76 9.53
CA LEU A 439 12.75 18.62 10.16
C LEU A 439 12.83 18.80 11.68
N ALA A 440 12.84 20.06 12.13
CA ALA A 440 13.03 20.35 13.55
C ALA A 440 11.76 20.72 14.29
N THR A 441 10.67 20.90 13.57
CA THR A 441 9.51 21.50 14.22
C THR A 441 8.72 20.41 14.91
N HIS A 442 8.16 20.69 16.09
CA HIS A 442 7.21 19.74 16.69
C HIS A 442 5.77 20.24 16.74
N ASP A 443 5.57 21.45 16.20
CA ASP A 443 4.25 21.98 15.91
C ASP A 443 3.77 21.31 14.61
N GLU A 444 2.83 20.37 14.73
CA GLU A 444 2.31 19.63 13.55
C GLU A 444 1.69 20.54 12.53
N THR A 445 1.02 21.59 12.99
CA THR A 445 0.38 22.54 12.10
C THR A 445 1.42 23.22 11.23
N GLN A 446 2.49 23.69 11.88
CA GLN A 446 3.61 24.29 11.18
C GLN A 446 4.34 23.30 10.26
N ARG A 447 4.46 22.04 10.68
CA ARG A 447 5.12 21.03 9.86
C ARG A 447 4.38 20.85 8.54
N GLN A 448 3.06 20.72 8.64
CA GLN A 448 2.23 20.55 7.44
C GLN A 448 2.31 21.77 6.53
N ALA A 449 2.30 22.96 7.13
CA ALA A 449 2.34 24.20 6.36
C ALA A 449 3.67 24.32 5.62
N LEU A 450 4.75 23.93 6.30
CA LEU A 450 6.08 23.98 5.70
C LEU A 450 6.18 22.99 4.55
N TYR A 451 5.74 21.74 4.76
CA TYR A 451 5.72 20.75 3.66
C TYR A 451 4.87 21.28 2.52
N ARG A 452 3.73 21.88 2.86
CA ARG A 452 2.86 22.42 1.80
C ARG A 452 3.63 23.46 1.00
N ASP A 453 4.32 24.35 1.70
CA ASP A 453 4.97 25.46 1.02
C ASP A 453 6.14 24.98 0.14
N ILE A 454 6.95 24.07 0.68
CA ILE A 454 8.09 23.54 -0.05
C ILE A 454 7.57 22.83 -1.32
N LEU A 455 6.60 21.93 -1.14
CA LEU A 455 6.13 21.14 -2.26
C LEU A 455 5.39 21.97 -3.30
N THR A 456 4.66 22.98 -2.82
CA THR A 456 3.95 23.88 -3.70
C THR A 456 4.89 24.74 -4.53
N ARG A 457 5.94 25.28 -3.90
CA ARG A 457 6.94 26.03 -4.66
C ARG A 457 7.61 25.15 -5.70
N LEU A 458 8.01 23.93 -5.34
CA LEU A 458 8.64 23.00 -6.31
C LEU A 458 7.75 22.66 -7.50
N HIS A 459 6.48 22.41 -7.21
CA HIS A 459 5.46 22.17 -8.25
C HIS A 459 5.26 23.42 -9.11
N ASP A 460 5.00 24.55 -8.46
CA ASP A 460 4.69 25.77 -9.21
C ASP A 460 5.85 26.28 -10.02
N GLU A 461 7.08 26.03 -9.53
CA GLU A 461 8.28 26.43 -10.27
C GLU A 461 8.70 25.41 -11.33
N ALA A 462 7.95 24.31 -11.44
CA ALA A 462 8.14 23.31 -12.49
C ALA A 462 9.59 22.84 -12.56
N VAL A 463 10.17 22.57 -11.39
CA VAL A 463 11.53 22.01 -11.31
C VAL A 463 11.60 20.61 -11.90
N TYR A 464 10.53 19.84 -11.66
CA TYR A 464 10.44 18.45 -12.11
C TYR A 464 9.45 18.26 -13.23
N LEU A 465 9.61 17.16 -13.96
CA LEU A 465 8.56 16.69 -14.88
C LEU A 465 8.20 15.30 -14.40
N PRO A 466 7.22 15.18 -13.47
CA PRO A 466 6.92 13.83 -12.98
C PRO A 466 6.40 13.01 -14.15
N ILE A 467 6.82 11.75 -14.22
CA ILE A 467 6.39 10.86 -15.29
C ILE A 467 5.50 9.72 -14.79
N SER A 468 6.00 8.93 -13.83
CA SER A 468 5.31 7.70 -13.42
C SER A 468 5.53 7.44 -11.94
N TYR A 469 4.53 6.84 -11.29
CA TYR A 469 4.74 6.19 -9.97
C TYR A 469 4.94 4.72 -10.27
N ILE A 470 6.12 4.22 -9.94
CA ILE A 470 6.55 2.89 -10.40
C ILE A 470 6.35 1.90 -9.29
N SER A 471 6.26 0.62 -9.64
CA SER A 471 5.94 -0.41 -8.68
C SER A 471 7.07 -1.43 -8.57
N MET A 472 7.06 -2.18 -7.48
CA MET A 472 7.89 -3.38 -7.37
C MET A 472 7.26 -4.51 -8.19
N MET A 473 8.10 -5.36 -8.77
CA MET A 473 7.57 -6.48 -9.52
C MET A 473 8.32 -7.75 -9.16
N VAL A 474 7.61 -8.85 -9.34
CA VAL A 474 8.11 -10.14 -8.89
C VAL A 474 7.78 -11.13 -10.01
N VAL A 475 8.71 -12.05 -10.29
CA VAL A 475 8.44 -13.21 -11.15
C VAL A 475 8.98 -14.39 -10.34
N SER A 476 8.17 -15.43 -10.15
CA SER A 476 8.63 -16.53 -9.28
C SER A 476 8.06 -17.86 -9.72
N LYS A 477 8.78 -18.92 -9.36
CA LYS A 477 8.23 -20.27 -9.47
C LYS A 477 7.02 -20.37 -8.53
N PRO A 478 5.91 -20.90 -9.04
CA PRO A 478 4.69 -20.99 -8.24
C PRO A 478 4.90 -21.66 -6.89
N GLU A 479 5.80 -22.65 -6.84
CA GLU A 479 6.04 -23.39 -5.61
C GLU A 479 6.47 -22.47 -4.43
N LEU A 480 7.02 -21.28 -4.72
CA LEU A 480 7.42 -20.36 -3.66
C LEU A 480 6.27 -19.63 -2.96
N GLY A 481 5.11 -19.68 -3.58
CA GLY A 481 3.92 -19.02 -3.05
C GLY A 481 3.92 -17.52 -3.27
N ASN A 482 3.02 -16.84 -2.57
CA ASN A 482 2.92 -15.39 -2.61
C ASN A 482 4.19 -14.75 -2.00
N ILE A 483 4.75 -13.77 -2.70
CA ILE A 483 5.99 -13.12 -2.27
C ILE A 483 5.66 -11.76 -1.63
N PRO A 484 5.94 -11.62 -0.31
CA PRO A 484 5.58 -10.33 0.32
C PRO A 484 6.52 -9.16 -0.04
N TYR A 485 6.04 -7.94 0.16
CA TYR A 485 6.85 -6.73 0.01
C TYR A 485 7.27 -6.21 1.38
N ALA A 486 8.41 -5.54 1.45
CA ALA A 486 8.84 -4.97 2.73
C ALA A 486 8.30 -3.52 2.84
N PRO A 487 8.03 -3.04 4.06
CA PRO A 487 7.65 -1.64 4.29
C PRO A 487 8.68 -0.63 3.72
N ILE A 488 9.97 -0.96 3.85
CA ILE A 488 11.02 -0.09 3.32
C ILE A 488 11.24 -0.47 1.87
N ALA A 489 11.06 0.50 1.00
CA ALA A 489 11.09 0.26 -0.46
C ALA A 489 12.33 -0.47 -0.96
N THR A 490 13.46 -0.28 -0.27
CA THR A 490 14.77 -0.83 -0.69
C THR A 490 15.14 -2.20 -0.08
N GLU A 491 14.26 -2.74 0.75
CA GLU A 491 14.51 -4.06 1.34
C GLU A 491 13.72 -5.14 0.60
N ILE A 492 14.16 -6.39 0.77
CA ILE A 492 13.47 -7.56 0.21
C ILE A 492 13.26 -8.54 1.35
N PRO A 493 11.99 -8.81 1.68
CA PRO A 493 11.67 -9.59 2.90
C PRO A 493 11.81 -11.10 2.73
N PHE A 494 13.00 -11.57 2.41
CA PHE A 494 13.21 -12.99 2.20
C PHE A 494 12.76 -13.86 3.39
N GLU A 495 12.88 -13.31 4.61
CA GLU A 495 12.50 -14.09 5.80
C GLU A 495 10.98 -14.31 5.94
N GLN A 496 10.19 -13.64 5.10
CA GLN A 496 8.71 -13.77 5.11
C GLN A 496 8.20 -14.72 4.03
N ILE A 497 9.11 -15.19 3.17
CA ILE A 497 8.72 -16.15 2.13
C ILE A 497 8.44 -17.48 2.83
N LYS A 498 7.31 -18.08 2.51
CA LYS A 498 6.84 -19.25 3.26
C LYS A 498 6.13 -20.13 2.24
N PRO A 499 6.91 -20.96 1.52
CA PRO A 499 6.36 -21.87 0.53
C PRO A 499 5.32 -22.85 1.07
N VAL A 500 5.47 -23.27 2.32
CA VAL A 500 4.51 -24.19 2.91
C VAL A 500 3.62 -23.48 3.93
N LYS A 501 2.35 -23.36 3.58
CA LYS A 501 1.34 -22.73 4.43
C LYS A 501 0.34 -23.79 4.91
N ALA B 2 -9.84 18.19 26.42
CA ALA B 2 -8.35 18.18 26.51
C ALA B 2 -7.70 17.65 25.21
N PRO B 3 -6.46 18.11 24.90
CA PRO B 3 -5.72 17.71 23.69
C PRO B 3 -5.46 16.20 23.54
N ASP B 4 -5.93 15.40 24.48
CA ASP B 4 -5.85 13.94 24.38
C ASP B 4 -7.26 13.34 24.32
N GLU B 5 -8.23 14.17 23.94
CA GLU B 5 -9.59 13.72 23.64
C GLU B 5 -9.95 14.14 22.22
N ILE B 6 -10.55 13.23 21.45
CA ILE B 6 -10.96 13.60 20.09
C ILE B 6 -12.42 13.25 19.81
N THR B 7 -13.00 13.95 18.84
CA THR B 7 -14.33 13.68 18.40
C THR B 7 -14.25 13.33 16.92
N THR B 8 -15.00 12.33 16.52
CA THR B 8 -15.07 11.93 15.10
C THR B 8 -16.53 11.64 14.76
N ALA B 9 -16.78 11.01 13.62
CA ALA B 9 -18.13 10.74 13.20
C ALA B 9 -18.20 9.37 12.56
N TRP B 10 -19.38 8.75 12.61
CA TRP B 10 -19.66 7.55 11.84
C TRP B 10 -21.15 7.64 11.42
N PRO B 11 -21.53 7.06 10.26
CA PRO B 11 -22.93 7.20 9.84
C PRO B 11 -23.99 6.51 10.73
N VAL B 12 -23.55 5.56 11.55
CA VAL B 12 -24.46 4.79 12.42
C VAL B 12 -23.80 4.65 13.79
N ASN B 13 -24.56 4.23 14.80
CA ASN B 13 -23.96 3.79 16.08
C ASN B 13 -23.06 2.59 15.84
N VAL B 14 -22.13 2.36 16.76
CA VAL B 14 -21.20 1.22 16.65
C VAL B 14 -21.88 -0.15 16.85
N GLY B 15 -23.07 -0.13 17.45
CA GLY B 15 -23.80 -1.35 17.80
C GLY B 15 -23.54 -1.78 19.25
N PRO B 16 -24.13 -2.91 19.67
CA PRO B 16 -23.89 -3.44 21.00
C PRO B 16 -22.46 -3.99 21.22
N LEU B 17 -21.71 -4.15 20.12
CA LEU B 17 -20.35 -4.69 20.15
C LEU B 17 -20.33 -6.12 20.69
N ASN B 18 -21.23 -6.94 20.15
CA ASN B 18 -21.12 -8.36 20.29
C ASN B 18 -19.97 -8.79 19.37
N PRO B 19 -18.91 -9.42 19.94
CA PRO B 19 -17.74 -9.75 19.12
C PRO B 19 -18.05 -10.79 18.05
N HIS B 20 -19.15 -11.53 18.23
CA HIS B 20 -19.39 -12.73 17.43
C HIS B 20 -20.51 -12.57 16.42
N LEU B 21 -21.05 -11.36 16.33
CA LEU B 21 -22.13 -11.08 15.39
C LEU B 21 -21.77 -9.99 14.38
N TYR B 22 -22.69 -9.74 13.46
CA TYR B 22 -22.42 -8.88 12.31
C TYR B 22 -23.29 -7.64 12.43
N THR B 23 -23.99 -7.22 11.37
CA THR B 23 -24.86 -6.03 11.49
C THR B 23 -25.76 -6.17 12.71
N PRO B 24 -25.95 -5.09 13.50
CA PRO B 24 -25.52 -3.70 13.35
C PRO B 24 -24.16 -3.35 13.94
N ASN B 25 -23.40 -4.35 14.40
CA ASN B 25 -22.04 -4.11 14.92
C ASN B 25 -21.12 -3.60 13.83
N GLN B 26 -20.37 -2.55 14.16
CA GLN B 26 -19.42 -1.96 13.20
C GLN B 26 -18.05 -2.57 13.44
N MET B 27 -17.42 -3.10 12.38
CA MET B 27 -16.17 -3.85 12.53
C MET B 27 -15.05 -3.03 13.18
N PHE B 28 -14.91 -1.77 12.79
CA PHE B 28 -13.82 -1.00 13.35
C PHE B 28 -13.98 -0.90 14.87
N ALA B 29 -15.23 -0.87 15.33
CA ALA B 29 -15.49 -0.70 16.77
C ALA B 29 -15.27 -2.01 17.55
N GLN B 30 -15.71 -3.12 16.96
CA GLN B 30 -15.37 -4.43 17.51
C GLN B 30 -13.87 -4.58 17.63
N SER B 31 -13.15 -4.12 16.62
CA SER B 31 -11.69 -4.18 16.62
C SER B 31 -11.03 -3.27 17.65
N MET B 32 -11.75 -2.24 18.08
CA MET B 32 -11.24 -1.34 19.15
C MET B 32 -11.25 -2.00 20.53
N VAL B 33 -12.24 -2.87 20.74
CA VAL B 33 -12.52 -3.46 22.04
C VAL B 33 -11.96 -4.89 22.12
N TYR B 34 -12.05 -5.62 21.01
CA TYR B 34 -11.74 -7.04 21.00
C TYR B 34 -10.49 -7.31 20.23
N GLU B 35 -9.77 -8.36 20.63
CA GLU B 35 -8.47 -8.65 20.04
C GLU B 35 -8.35 -10.09 19.59
N PRO B 36 -7.50 -10.33 18.58
CA PRO B 36 -7.27 -11.68 18.06
C PRO B 36 -6.08 -12.38 18.69
N LEU B 37 -5.99 -13.69 18.46
CA LEU B 37 -4.82 -14.47 18.88
C LEU B 37 -3.53 -14.03 18.18
N VAL B 38 -3.69 -13.65 16.92
CA VAL B 38 -2.58 -13.25 16.04
C VAL B 38 -3.04 -12.01 15.28
N LYS B 39 -2.11 -11.12 14.95
CA LYS B 39 -2.45 -9.81 14.41
C LYS B 39 -1.95 -9.66 12.97
N TYR B 40 -2.82 -9.21 12.08
CA TYR B 40 -2.51 -9.07 10.66
C TYR B 40 -1.54 -7.92 10.40
N GLN B 41 -0.58 -8.16 9.49
CA GLN B 41 0.38 -7.13 9.09
C GLN B 41 0.22 -6.81 7.62
N ALA B 42 0.60 -5.59 7.23
CA ALA B 42 0.46 -5.12 5.83
C ALA B 42 1.06 -6.07 4.76
N ASP B 43 2.14 -6.77 5.10
CA ASP B 43 2.77 -7.70 4.14
C ASP B 43 2.01 -9.02 3.99
N GLY B 44 0.91 -9.15 4.72
CA GLY B 44 0.09 -10.34 4.65
C GLY B 44 0.41 -11.40 5.67
N SER B 45 1.46 -11.16 6.46
CA SER B 45 1.81 -12.10 7.51
C SER B 45 1.01 -11.79 8.78
N VAL B 46 1.16 -12.64 9.79
CA VAL B 46 0.60 -12.31 11.11
C VAL B 46 1.75 -12.31 12.09
N ILE B 47 1.60 -11.50 13.15
CA ILE B 47 2.51 -11.55 14.28
C ILE B 47 1.77 -12.13 15.49
N PRO B 48 2.52 -12.65 16.48
CA PRO B 48 1.87 -13.12 17.72
C PRO B 48 1.08 -11.97 18.34
N TRP B 49 -0.08 -12.27 18.92
CA TRP B 49 -0.82 -11.22 19.61
C TRP B 49 -1.26 -11.74 20.98
N LEU B 50 -2.55 -12.02 21.18
CA LEU B 50 -2.95 -12.66 22.45
C LEU B 50 -2.28 -14.05 22.64
N ALA B 51 -2.04 -14.74 21.53
CA ALA B 51 -1.18 -15.93 21.53
C ALA B 51 0.26 -15.46 21.35
N LYS B 52 1.11 -15.77 22.34
CA LYS B 52 2.52 -15.36 22.33
C LYS B 52 3.33 -16.21 21.35
N SER B 53 2.95 -17.48 21.23
CA SER B 53 3.61 -18.43 20.36
C SER B 53 2.66 -19.59 20.05
N TRP B 54 3.00 -20.36 19.02
CA TRP B 54 2.26 -21.57 18.68
C TRP B 54 3.19 -22.63 18.09
N THR B 55 2.74 -23.88 18.14
CA THR B 55 3.31 -24.98 17.40
C THR B 55 2.15 -25.67 16.73
N HIS B 56 2.43 -26.51 15.74
CA HIS B 56 1.41 -27.34 15.15
C HIS B 56 1.97 -28.73 14.85
N SER B 57 1.06 -29.69 14.69
CA SER B 57 1.40 -31.04 14.35
C SER B 57 1.93 -31.13 12.91
N GLU B 58 2.78 -31.96 12.38
CA GLU B 58 3.35 -31.93 11.01
C GLU B 58 2.30 -32.45 9.80
N ASP B 59 1.07 -32.60 10.26
CA ASP B 59 -0.10 -32.64 9.38
C ASP B 59 -0.72 -31.24 9.26
N GLY B 60 -0.33 -30.36 10.17
CA GLY B 60 -0.90 -28.99 10.22
C GLY B 60 -2.38 -28.94 10.58
N LYS B 61 -2.89 -30.01 11.16
CA LYS B 61 -4.31 -30.11 11.56
C LYS B 61 -4.55 -29.77 13.01
N THR B 62 -3.52 -29.84 13.84
CA THR B 62 -3.68 -29.42 15.23
C THR B 62 -2.63 -28.42 15.67
N TRP B 63 -3.14 -27.37 16.30
CA TRP B 63 -2.36 -26.21 16.64
C TRP B 63 -2.51 -25.97 18.12
N THR B 64 -1.40 -25.77 18.80
CA THR B 64 -1.44 -25.43 20.20
C THR B 64 -0.84 -24.06 20.30
N PHE B 65 -1.66 -23.11 20.70
CA PHE B 65 -1.23 -21.76 20.95
C PHE B 65 -0.91 -21.59 22.41
N THR B 66 0.25 -21.00 22.71
CA THR B 66 0.60 -20.60 24.06
C THR B 66 0.22 -19.15 24.17
N LEU B 67 -0.74 -18.88 25.06
CA LEU B 67 -1.27 -17.56 25.25
C LEU B 67 -0.36 -16.71 26.11
N ARG B 68 -0.42 -15.39 25.91
CA ARG B 68 0.19 -14.46 26.85
C ARG B 68 -0.45 -14.68 28.24
N ASP B 69 0.33 -14.49 29.30
CA ASP B 69 -0.20 -14.64 30.68
C ASP B 69 -0.44 -13.26 31.27
N ASP B 70 -0.06 -12.30 30.45
CA ASP B 70 -0.03 -10.87 30.66
C ASP B 70 -1.42 -10.27 30.80
N VAL B 71 -2.42 -10.89 30.19
CA VAL B 71 -3.55 -10.16 29.64
C VAL B 71 -4.84 -10.20 30.48
N LYS B 72 -5.41 -9.02 30.73
CA LYS B 72 -6.68 -8.91 31.42
C LYS B 72 -7.74 -8.28 30.52
N PHE B 73 -8.97 -8.75 30.64
CA PHE B 73 -10.13 -8.04 30.11
C PHE B 73 -10.23 -6.67 30.81
N SER B 74 -10.97 -5.73 30.22
CA SER B 74 -11.02 -4.37 30.77
C SER B 74 -11.67 -4.32 32.18
N ASN B 75 -12.45 -5.33 32.54
CA ASN B 75 -12.98 -5.41 33.93
C ASN B 75 -12.04 -6.06 34.93
N GLY B 76 -10.83 -6.42 34.48
CA GLY B 76 -9.81 -7.00 35.35
C GLY B 76 -9.73 -8.53 35.30
N GLU B 77 -10.74 -9.18 34.72
CA GLU B 77 -10.78 -10.63 34.63
C GLU B 77 -9.69 -11.14 33.70
N PRO B 78 -9.13 -12.33 34.03
CA PRO B 78 -8.02 -12.87 33.26
C PRO B 78 -8.42 -13.37 31.87
N PHE B 79 -7.60 -13.03 30.89
CA PHE B 79 -7.67 -13.73 29.61
C PHE B 79 -6.79 -14.96 29.74
N ASP B 80 -7.42 -16.13 29.72
CA ASP B 80 -6.69 -17.40 29.78
C ASP B 80 -7.20 -18.39 28.72
N ALA B 81 -6.62 -19.58 28.64
CA ALA B 81 -7.05 -20.54 27.63
C ALA B 81 -8.51 -20.96 27.76
N GLU B 82 -9.00 -21.07 29.01
CA GLU B 82 -10.41 -21.37 29.22
C GLU B 82 -11.33 -20.30 28.66
N ALA B 83 -11.00 -19.02 28.88
CA ALA B 83 -11.78 -17.92 28.32
C ALA B 83 -11.79 -17.98 26.79
N ALA B 84 -10.63 -18.23 26.19
CA ALA B 84 -10.54 -18.38 24.73
C ALA B 84 -11.38 -19.54 24.19
N ALA B 85 -11.30 -20.71 24.82
CA ALA B 85 -12.05 -21.89 24.39
C ALA B 85 -13.56 -21.67 24.47
N GLU B 86 -13.99 -20.91 25.47
CA GLU B 86 -15.41 -20.60 25.65
C GLU B 86 -15.91 -19.67 24.56
N ASN B 87 -15.06 -18.73 24.13
CA ASN B 87 -15.40 -17.88 22.99
C ASN B 87 -15.54 -18.70 21.71
N PHE B 88 -14.60 -19.61 21.45
CA PHE B 88 -14.71 -20.46 20.25
C PHE B 88 -15.98 -21.28 20.27
N ARG B 89 -16.31 -21.82 21.44
CA ARG B 89 -17.55 -22.58 21.59
C ARG B 89 -18.77 -21.72 21.27
N ALA B 90 -18.80 -20.51 21.82
CA ALA B 90 -19.92 -19.57 21.62
C ALA B 90 -20.09 -19.22 20.15
N VAL B 91 -18.98 -18.93 19.49
CA VAL B 91 -18.97 -18.68 18.04
C VAL B 91 -19.52 -19.87 17.24
N LEU B 92 -18.99 -21.06 17.51
CA LEU B 92 -19.33 -22.23 16.71
C LEU B 92 -20.69 -22.85 17.08
N ASP B 93 -21.30 -22.39 18.19
CA ASP B 93 -22.71 -22.73 18.50
C ASP B 93 -23.63 -22.04 17.47
N ASN B 94 -23.08 -21.09 16.73
CA ASN B 94 -23.78 -20.37 15.67
C ASN B 94 -23.03 -20.56 14.35
N ARG B 95 -22.50 -21.77 14.15
CA ARG B 95 -21.59 -22.02 13.04
C ARG B 95 -22.12 -21.58 11.68
N GLN B 96 -23.38 -21.88 11.38
CA GLN B 96 -23.92 -21.62 10.03
C GLN B 96 -23.93 -20.14 9.63
N ARG B 97 -23.99 -19.26 10.62
CA ARG B 97 -23.97 -17.80 10.41
C ARG B 97 -22.60 -17.35 9.85
N HIS B 98 -21.57 -18.14 10.14
CA HIS B 98 -20.19 -17.80 9.75
C HIS B 98 -19.75 -18.56 8.49
N ALA B 99 -20.74 -19.07 7.73
CA ALA B 99 -20.49 -19.98 6.57
C ALA B 99 -19.62 -19.36 5.49
N TRP B 100 -19.75 -18.05 5.32
CA TRP B 100 -18.88 -17.27 4.41
C TRP B 100 -17.40 -17.45 4.72
N LEU B 101 -17.09 -17.75 5.98
CA LEU B 101 -15.73 -17.81 6.45
C LEU B 101 -15.32 -19.27 6.61
N GLU B 102 -14.48 -19.73 5.70
CA GLU B 102 -14.18 -21.15 5.66
C GLU B 102 -13.57 -21.69 6.97
N LEU B 103 -12.91 -20.83 7.75
CA LEU B 103 -12.38 -21.29 9.04
C LEU B 103 -13.48 -21.84 9.98
N ALA B 104 -14.64 -21.19 10.00
CA ALA B 104 -15.75 -21.64 10.83
C ALA B 104 -16.16 -23.09 10.53
N ASN B 105 -15.95 -23.52 9.29
CA ASN B 105 -16.25 -24.87 8.83
C ASN B 105 -15.09 -25.82 9.17
N GLN B 106 -13.88 -25.28 9.16
CA GLN B 106 -12.65 -26.04 9.38
C GLN B 106 -12.43 -26.44 10.84
N ILE B 107 -12.93 -25.63 11.77
CA ILE B 107 -12.67 -25.92 13.19
C ILE B 107 -13.47 -27.12 13.68
N VAL B 108 -12.74 -28.13 14.15
CA VAL B 108 -13.36 -29.36 14.68
C VAL B 108 -13.45 -29.27 16.21
N ASP B 109 -12.37 -28.85 16.84
CA ASP B 109 -12.28 -28.86 18.29
C ASP B 109 -11.41 -27.75 18.84
N VAL B 110 -11.82 -27.18 19.96
CA VAL B 110 -11.00 -26.18 20.66
C VAL B 110 -11.02 -26.55 22.14
N LYS B 111 -9.84 -26.77 22.71
CA LYS B 111 -9.70 -27.23 24.09
C LYS B 111 -8.60 -26.48 24.83
N ALA B 112 -8.87 -26.08 26.06
CA ALA B 112 -7.86 -25.50 26.93
C ALA B 112 -7.04 -26.66 27.52
N LEU B 113 -5.77 -26.73 27.18
CA LEU B 113 -4.90 -27.76 27.73
C LEU B 113 -4.45 -27.40 29.13
N SER B 114 -4.37 -26.11 29.40
CA SER B 114 -3.92 -25.57 30.67
C SER B 114 -4.45 -24.16 30.74
N LYS B 115 -3.99 -23.37 31.70
CA LYS B 115 -4.42 -21.96 31.77
C LYS B 115 -3.90 -21.12 30.60
N THR B 116 -2.78 -21.54 30.00
CA THR B 116 -2.16 -20.80 28.90
C THR B 116 -2.03 -21.54 27.57
N GLU B 117 -2.44 -22.79 27.49
CA GLU B 117 -2.34 -23.56 26.26
C GLU B 117 -3.70 -23.88 25.64
N LEU B 118 -3.88 -23.41 24.41
CA LEU B 118 -5.14 -23.55 23.72
C LEU B 118 -4.93 -24.41 22.49
N GLN B 119 -5.64 -25.52 22.42
CA GLN B 119 -5.51 -26.42 21.28
C GLN B 119 -6.68 -26.32 20.33
N ILE B 120 -6.36 -26.01 19.07
CA ILE B 120 -7.34 -25.95 18.00
C ILE B 120 -7.04 -27.06 16.98
N THR B 121 -8.00 -27.95 16.75
CA THR B 121 -7.84 -28.92 15.67
C THR B 121 -8.76 -28.62 14.49
N LEU B 122 -8.18 -28.72 13.29
CA LEU B 122 -8.86 -28.41 12.04
C LEU B 122 -9.00 -29.65 11.16
N LYS B 123 -10.05 -29.68 10.36
CA LYS B 123 -10.22 -30.69 9.31
C LYS B 123 -9.02 -30.87 8.37
N SER B 124 -8.29 -29.78 8.10
CA SER B 124 -7.17 -29.79 7.17
C SER B 124 -6.14 -28.70 7.49
N ALA B 125 -4.95 -28.81 6.92
CA ALA B 125 -3.94 -27.75 7.03
C ALA B 125 -4.38 -26.56 6.19
N TYR B 126 -5.23 -25.72 6.80
CA TYR B 126 -5.99 -24.69 6.09
C TYR B 126 -5.11 -23.45 5.94
N TYR B 127 -4.75 -23.10 4.71
CA TYR B 127 -3.70 -22.07 4.46
C TYR B 127 -3.95 -20.69 5.08
N PRO B 128 -5.19 -20.18 5.03
CA PRO B 128 -5.41 -18.85 5.59
C PRO B 128 -5.86 -18.89 7.07
N PHE B 129 -5.56 -20.00 7.75
CA PHE B 129 -5.96 -20.22 9.16
C PHE B 129 -5.61 -19.04 10.05
N LEU B 130 -4.33 -18.66 10.08
CA LEU B 130 -3.88 -17.56 10.92
C LEU B 130 -4.49 -16.23 10.50
N GLN B 131 -4.60 -16.02 9.18
CA GLN B 131 -5.12 -14.75 8.69
C GLN B 131 -6.58 -14.61 9.05
N GLU B 132 -7.30 -15.73 9.12
CA GLU B 132 -8.73 -15.67 9.49
C GLU B 132 -8.96 -15.52 11.00
N LEU B 133 -8.06 -16.09 11.81
CA LEU B 133 -8.03 -15.74 13.24
C LEU B 133 -7.79 -14.25 13.49
N ALA B 134 -7.09 -13.60 12.55
CA ALA B 134 -6.70 -12.21 12.71
C ALA B 134 -7.82 -11.23 12.39
N LEU B 135 -8.92 -11.71 11.81
CA LEU B 135 -10.01 -10.83 11.31
C LEU B 135 -10.73 -10.16 12.47
N PRO B 136 -11.34 -8.97 12.23
CA PRO B 136 -12.14 -8.26 13.23
C PRO B 136 -13.20 -9.14 13.91
N ARG B 137 -13.80 -10.06 13.15
CA ARG B 137 -14.83 -10.97 13.67
C ARG B 137 -14.88 -12.22 12.76
N PRO B 138 -15.39 -13.35 13.28
CA PRO B 138 -15.87 -13.56 14.64
C PRO B 138 -14.88 -14.03 15.72
N PHE B 139 -13.60 -14.26 15.39
CA PHE B 139 -12.75 -14.99 16.36
C PHE B 139 -11.95 -14.11 17.35
N ARG B 140 -12.67 -13.22 18.03
CA ARG B 140 -12.08 -12.36 19.04
C ARG B 140 -12.83 -12.56 20.34
N PHE B 141 -12.33 -11.98 21.42
CA PHE B 141 -12.62 -12.52 22.76
C PHE B 141 -13.28 -11.55 23.71
N ILE B 142 -14.48 -11.93 24.14
CA ILE B 142 -15.20 -11.20 25.19
C ILE B 142 -15.06 -11.98 26.49
N ALA B 143 -15.03 -11.29 27.62
CA ALA B 143 -15.02 -11.95 28.92
C ALA B 143 -16.23 -12.88 29.04
N PRO B 144 -15.98 -14.16 29.31
CA PRO B 144 -17.05 -15.17 29.47
C PRO B 144 -18.15 -14.79 30.49
N SER B 145 -17.80 -13.99 31.49
CA SER B 145 -18.76 -13.41 32.43
C SER B 145 -19.87 -12.57 31.77
N GLN B 146 -19.63 -12.13 30.53
CA GLN B 146 -20.60 -11.35 29.76
C GLN B 146 -21.43 -12.15 28.76
N PHE B 147 -21.23 -13.46 28.73
CA PHE B 147 -22.10 -14.36 27.97
C PHE B 147 -23.49 -14.26 28.60
N LYS B 148 -24.54 -14.54 27.81
CA LYS B 148 -25.88 -14.76 28.36
C LYS B 148 -26.20 -16.26 28.22
N ASN B 149 -26.46 -16.93 29.35
CA ASN B 149 -26.75 -18.36 29.32
C ASN B 149 -25.66 -19.17 28.58
N HIS B 150 -24.38 -18.82 28.83
CA HIS B 150 -23.25 -19.52 28.24
C HIS B 150 -23.14 -19.35 26.72
N GLU B 151 -23.83 -18.34 26.18
CA GLU B 151 -23.80 -18.10 24.73
C GLU B 151 -23.52 -16.63 24.44
N THR B 152 -23.16 -16.34 23.19
CA THR B 152 -23.12 -14.95 22.69
C THR B 152 -24.09 -14.74 21.54
N MET B 153 -24.56 -15.81 20.91
CA MET B 153 -25.36 -15.68 19.68
C MET B 153 -26.72 -15.01 19.89
N ASN B 154 -27.19 -14.98 21.14
CA ASN B 154 -28.47 -14.34 21.48
C ASN B 154 -28.27 -13.01 22.20
N GLY B 155 -27.04 -12.50 22.18
CA GLY B 155 -26.71 -11.28 22.88
C GLY B 155 -25.66 -11.47 23.95
N ILE B 156 -25.11 -10.35 24.41
CA ILE B 156 -24.13 -10.29 25.47
C ILE B 156 -24.62 -9.32 26.56
N LYS B 157 -23.93 -9.32 27.69
CA LYS B 157 -24.21 -8.29 28.70
C LYS B 157 -23.41 -7.02 28.37
N ALA B 158 -22.23 -6.85 28.93
CA ALA B 158 -21.41 -5.69 28.59
C ALA B 158 -20.33 -6.13 27.61
N PRO B 159 -19.98 -5.25 26.65
CA PRO B 159 -18.98 -5.58 25.65
C PRO B 159 -17.52 -5.51 26.16
N ILE B 160 -17.14 -6.49 26.98
CA ILE B 160 -15.88 -6.42 27.72
C ILE B 160 -14.80 -7.22 27.01
N GLY B 161 -13.84 -6.51 26.39
CA GLY B 161 -12.72 -7.16 25.73
C GLY B 161 -11.39 -6.89 26.40
N THR B 162 -10.32 -7.26 25.71
CA THR B 162 -8.96 -7.06 26.20
C THR B 162 -8.29 -5.84 25.54
N GLY B 163 -9.00 -5.21 24.60
CA GLY B 163 -8.41 -4.18 23.71
C GLY B 163 -8.11 -2.83 24.35
N PRO B 164 -7.46 -1.93 23.58
CA PRO B 164 -7.01 -0.63 24.10
C PRO B 164 -8.15 0.35 24.36
N TRP B 165 -9.36 0.02 23.89
CA TRP B 165 -10.53 0.90 24.05
C TRP B 165 -11.70 0.24 24.78
N ILE B 166 -12.43 1.05 25.56
CA ILE B 166 -13.61 0.61 26.32
C ILE B 166 -14.81 1.44 25.86
N LEU B 167 -15.93 0.79 25.51
CA LEU B 167 -17.14 1.51 25.14
C LEU B 167 -17.77 2.00 26.43
N GLN B 168 -17.78 3.31 26.59
CA GLN B 168 -18.24 3.91 27.82
C GLN B 168 -19.72 4.27 27.81
N GLU B 169 -20.20 4.88 26.73
CA GLU B 169 -21.65 5.11 26.60
C GLU B 169 -22.06 5.17 25.15
N SER B 170 -23.35 4.92 24.92
CA SER B 170 -23.94 4.93 23.59
C SER B 170 -25.30 5.54 23.73
N LYS B 171 -25.62 6.44 22.81
CA LYS B 171 -26.98 6.96 22.71
C LYS B 171 -27.44 6.80 21.27
N LEU B 172 -28.56 6.10 21.11
CA LEU B 172 -29.05 5.73 19.78
C LEU B 172 -29.22 6.96 18.91
N ASN B 173 -28.68 6.88 17.69
CA ASN B 173 -28.76 7.95 16.69
C ASN B 173 -28.08 9.25 17.11
N GLN B 174 -27.24 9.18 18.14
CA GLN B 174 -26.57 10.38 18.64
C GLN B 174 -25.05 10.22 18.74
N TYR B 175 -24.59 9.28 19.56
CA TYR B 175 -23.15 9.14 19.74
C TYR B 175 -22.77 7.83 20.41
N ASP B 176 -21.48 7.52 20.31
CA ASP B 176 -20.86 6.51 21.15
C ASP B 176 -19.57 7.12 21.67
N VAL B 177 -19.25 6.83 22.93
CA VAL B 177 -18.01 7.28 23.56
C VAL B 177 -17.17 6.09 24.00
N PHE B 178 -15.90 6.14 23.63
CA PHE B 178 -14.90 5.19 24.04
C PHE B 178 -13.88 5.92 24.90
N VAL B 179 -13.37 5.16 25.86
CA VAL B 179 -12.38 5.61 26.79
C VAL B 179 -11.18 4.66 26.67
N ARG B 180 -9.96 5.19 26.79
CA ARG B 180 -8.75 4.38 26.83
C ARG B 180 -8.83 3.35 27.97
N ASN B 181 -8.35 2.14 27.69
CA ASN B 181 -8.24 1.06 28.67
C ASN B 181 -6.94 1.28 29.43
N GLU B 182 -7.06 1.73 30.68
CA GLU B 182 -5.87 2.11 31.47
C GLU B 182 -5.09 0.89 31.92
N ASN B 183 -5.73 -0.27 31.80
CA ASN B 183 -5.13 -1.55 32.18
C ASN B 183 -4.87 -2.45 30.97
N TYR B 184 -4.66 -1.82 29.82
CA TYR B 184 -4.36 -2.56 28.59
C TYR B 184 -3.03 -3.29 28.72
N TRP B 185 -2.93 -4.52 28.23
CA TRP B 185 -1.69 -5.28 28.29
C TRP B 185 -0.55 -4.71 27.44
N GLY B 186 -0.87 -4.03 26.34
CA GLY B 186 0.15 -3.51 25.44
C GLY B 186 0.45 -2.03 25.67
N GLU B 187 0.85 -1.35 24.60
CA GLU B 187 1.15 0.06 24.68
C GLU B 187 -0.14 0.87 24.82
N LYS B 188 -0.16 1.80 25.77
CA LYS B 188 -1.34 2.64 25.99
C LYS B 188 -1.45 3.71 24.89
N PRO B 189 -2.66 3.89 24.31
CA PRO B 189 -2.84 4.94 23.32
C PRO B 189 -2.59 6.34 23.89
N ALA B 190 -2.12 7.23 23.04
CA ALA B 190 -1.92 8.61 23.41
C ALA B 190 -3.28 9.26 23.70
N ILE B 191 -4.32 8.86 22.96
CA ILE B 191 -5.65 9.42 23.12
C ILE B 191 -6.39 8.73 24.26
N LYS B 192 -7.02 9.51 25.13
CA LYS B 192 -7.74 8.94 26.27
C LYS B 192 -9.27 8.80 26.07
N LYS B 193 -9.85 9.62 25.20
CA LYS B 193 -11.27 9.53 24.90
C LYS B 193 -11.53 9.78 23.42
N ILE B 194 -12.37 8.95 22.82
CA ILE B 194 -12.84 9.18 21.46
C ILE B 194 -14.36 9.16 21.48
N THR B 195 -14.94 10.25 20.99
CA THR B 195 -16.39 10.35 20.86
C THR B 195 -16.76 10.26 19.39
N PHE B 196 -17.69 9.36 19.08
CA PHE B 196 -18.23 9.24 17.72
C PHE B 196 -19.58 9.91 17.68
N ASN B 197 -19.70 10.97 16.90
CA ASN B 197 -21.01 11.55 16.58
C ASN B 197 -21.66 10.80 15.42
N VAL B 198 -22.92 10.44 15.61
CA VAL B 198 -23.69 9.77 14.56
C VAL B 198 -24.17 10.79 13.53
N ILE B 199 -23.57 10.74 12.33
CA ILE B 199 -23.81 11.75 11.28
C ILE B 199 -23.97 11.02 9.95
N PRO B 200 -25.22 10.67 9.59
CA PRO B 200 -25.42 9.89 8.36
C PRO B 200 -25.06 10.54 7.02
N ASP B 201 -25.17 11.87 6.92
CA ASP B 201 -25.06 12.59 5.65
C ASP B 201 -23.58 12.95 5.41
N PRO B 202 -23.03 12.62 4.21
CA PRO B 202 -21.63 13.02 3.93
C PRO B 202 -21.40 14.55 3.93
N THR B 203 -22.41 15.30 3.49
CA THR B 203 -22.28 16.74 3.46
C THR B 203 -22.26 17.28 4.90
N THR B 204 -23.06 16.70 5.78
CA THR B 204 -23.09 17.12 7.19
C THR B 204 -21.80 16.71 7.91
N ARG B 205 -21.25 15.57 7.53
CA ARG B 205 -19.93 15.20 8.10
C ARG B 205 -18.89 16.25 7.72
N ALA B 206 -18.98 16.73 6.47
CA ALA B 206 -18.02 17.73 6.01
C ALA B 206 -18.20 19.05 6.79
N VAL B 207 -19.44 19.42 7.04
CA VAL B 207 -19.71 20.65 7.81
C VAL B 207 -19.24 20.49 9.26
N ALA B 208 -19.47 19.32 9.84
CA ALA B 208 -19.07 19.07 11.25
C ALA B 208 -17.57 19.24 11.38
N PHE B 209 -16.83 18.72 10.39
CA PHE B 209 -15.39 18.96 10.34
C PHE B 209 -14.99 20.43 10.14
N GLU B 210 -15.60 21.09 9.16
CA GLU B 210 -15.28 22.49 8.86
C GLU B 210 -15.46 23.40 10.06
N THR B 211 -16.49 23.14 10.84
CA THR B 211 -16.77 23.99 12.00
C THR B 211 -15.86 23.71 13.19
N GLY B 212 -15.09 22.61 13.10
CA GLY B 212 -14.32 22.12 14.24
C GLY B 212 -15.10 21.31 15.25
N ASP B 213 -16.38 21.03 14.99
CA ASP B 213 -17.20 20.20 15.88
C ASP B 213 -16.58 18.80 16.06
N ILE B 214 -16.03 18.29 14.98
CA ILE B 214 -15.29 17.03 15.03
C ILE B 214 -13.86 17.27 14.59
N ASP B 215 -12.96 16.36 14.98
CA ASP B 215 -11.52 16.53 14.77
C ASP B 215 -10.96 15.71 13.62
N LEU B 216 -11.69 14.68 13.24
CA LEU B 216 -11.15 13.62 12.39
C LEU B 216 -12.29 12.97 11.65
N LEU B 217 -12.09 12.74 10.35
CA LEU B 217 -12.94 11.85 9.54
C LEU B 217 -12.04 10.82 8.89
N TYR B 218 -12.48 9.57 8.88
CA TYR B 218 -11.66 8.46 8.36
C TYR B 218 -12.63 7.49 7.72
N GLY B 219 -12.49 7.20 6.44
CA GLY B 219 -13.45 6.23 5.84
C GLY B 219 -13.18 6.09 4.36
N ASN B 220 -14.11 5.45 3.66
CA ASN B 220 -13.90 5.18 2.24
C ASN B 220 -14.36 6.34 1.34
N GLU B 221 -14.51 6.08 0.05
CA GLU B 221 -14.87 7.13 -0.90
C GLU B 221 -16.21 7.84 -0.63
N GLY B 222 -17.04 7.26 0.24
CA GLY B 222 -18.31 7.87 0.64
C GLY B 222 -18.19 8.77 1.88
N LEU B 223 -16.97 8.93 2.38
CA LEU B 223 -16.77 9.69 3.65
C LEU B 223 -17.34 11.14 3.63
N LEU B 224 -17.06 11.89 2.57
CA LEU B 224 -17.57 13.24 2.43
C LEU B 224 -17.57 13.51 0.92
N PRO B 225 -18.26 14.58 0.50
CA PRO B 225 -18.28 14.84 -0.92
C PRO B 225 -16.86 15.04 -1.43
N LEU B 226 -16.56 14.45 -2.57
CA LEU B 226 -15.18 14.45 -3.08
C LEU B 226 -14.69 15.80 -3.62
N ASP B 227 -15.61 16.63 -4.12
CA ASP B 227 -15.24 18.03 -4.44
C ASP B 227 -14.91 18.83 -3.18
N THR B 228 -15.67 18.61 -2.11
CA THR B 228 -15.33 19.21 -0.80
C THR B 228 -13.96 18.73 -0.32
N PHE B 229 -13.75 17.41 -0.42
CA PHE B 229 -12.46 16.83 -0.09
C PHE B 229 -11.30 17.51 -0.83
N ALA B 230 -11.46 17.71 -2.14
CA ALA B 230 -10.46 18.40 -2.98
C ALA B 230 -10.21 19.84 -2.49
N ARG B 231 -11.29 20.56 -2.14
CA ARG B 231 -11.17 21.90 -1.58
C ARG B 231 -10.43 21.83 -0.25
N PHE B 232 -10.80 20.88 0.61
CA PHE B 232 -10.10 20.76 1.89
C PHE B 232 -8.59 20.56 1.70
N SER B 233 -8.21 19.77 0.70
CA SER B 233 -6.80 19.42 0.46
C SER B 233 -5.98 20.62 0.03
N GLN B 234 -6.65 21.66 -0.46
CA GLN B 234 -5.99 22.90 -0.84
C GLN B 234 -5.89 23.93 0.28
N ASN B 235 -6.44 23.62 1.45
CA ASN B 235 -6.54 24.62 2.51
C ASN B 235 -5.65 24.23 3.67
N PRO B 236 -4.58 25.03 3.94
CA PRO B 236 -3.68 24.78 5.07
C PRO B 236 -4.32 24.69 6.46
N ALA B 237 -5.54 25.18 6.60
CA ALA B 237 -6.27 25.08 7.88
C ALA B 237 -6.63 23.63 8.22
N TYR B 238 -6.64 22.80 7.17
CA TYR B 238 -7.03 21.40 7.31
C TYR B 238 -5.88 20.48 6.91
N HIS B 239 -6.02 19.19 7.25
CA HIS B 239 -5.12 18.16 6.76
C HIS B 239 -5.94 17.09 6.03
N THR B 240 -5.49 16.65 4.85
CA THR B 240 -6.21 15.59 4.12
C THR B 240 -5.25 14.48 3.75
N GLN B 241 -5.77 13.27 3.58
CA GLN B 241 -4.95 12.15 3.07
C GLN B 241 -5.79 11.26 2.18
N LEU B 242 -5.15 10.59 1.22
CA LEU B 242 -5.83 9.58 0.40
C LEU B 242 -4.87 8.39 0.35
N SER B 243 -5.34 7.20 0.71
CA SER B 243 -4.46 6.04 0.71
C SER B 243 -4.26 5.53 -0.72
N GLN B 244 -3.32 4.58 -0.87
CA GLN B 244 -3.32 3.76 -2.07
C GLN B 244 -4.61 2.92 -2.07
N PRO B 245 -5.08 2.49 -3.26
CA PRO B 245 -6.35 1.76 -3.30
C PRO B 245 -6.44 0.55 -2.38
N ILE B 246 -7.63 0.33 -1.82
CA ILE B 246 -7.82 -0.76 -0.85
C ILE B 246 -8.78 -1.84 -1.37
N GLU B 247 -9.64 -1.50 -2.33
CA GLU B 247 -10.66 -2.49 -2.80
C GLU B 247 -11.36 -1.97 -4.07
N THR B 248 -12.15 -2.84 -4.68
CA THR B 248 -12.82 -2.54 -5.93
C THR B 248 -14.28 -2.20 -5.69
N VAL B 249 -14.76 -1.19 -6.43
CA VAL B 249 -16.20 -0.90 -6.52
C VAL B 249 -16.62 -1.28 -7.93
N MET B 250 -17.76 -1.97 -8.04
CA MET B 250 -18.18 -2.53 -9.33
C MET B 250 -19.70 -2.63 -9.39
N LEU B 251 -20.25 -2.95 -10.56
CA LEU B 251 -21.62 -3.47 -10.61
C LEU B 251 -21.52 -4.97 -10.57
N ALA B 252 -22.48 -5.60 -9.91
CA ALA B 252 -22.69 -7.03 -10.12
C ALA B 252 -23.87 -7.19 -11.07
N LEU B 253 -23.70 -8.01 -12.11
CA LEU B 253 -24.75 -8.24 -13.12
C LEU B 253 -25.40 -9.58 -12.88
N ASN B 254 -26.74 -9.62 -12.88
CA ASN B 254 -27.43 -10.88 -12.60
C ASN B 254 -27.49 -11.80 -13.81
N THR B 255 -26.65 -12.83 -13.78
CA THR B 255 -26.52 -13.77 -14.91
C THR B 255 -27.76 -14.69 -15.00
N ALA B 256 -28.63 -14.63 -13.97
CA ALA B 256 -29.85 -15.47 -13.93
C ALA B 256 -31.13 -14.74 -14.28
N LYS B 257 -31.03 -13.47 -14.66
CA LYS B 257 -32.19 -12.64 -14.97
C LYS B 257 -32.06 -11.92 -16.32
N ALA B 258 -33.11 -12.00 -17.14
CA ALA B 258 -33.16 -11.29 -18.43
C ALA B 258 -33.09 -9.79 -18.20
N PRO B 259 -32.38 -9.05 -19.06
CA PRO B 259 -31.56 -9.52 -20.18
C PRO B 259 -30.07 -9.77 -19.83
N THR B 260 -29.71 -9.55 -18.55
CA THR B 260 -28.32 -9.76 -18.13
C THR B 260 -27.91 -11.23 -18.07
N ASN B 261 -28.85 -12.13 -18.33
CA ASN B 261 -28.50 -13.55 -18.47
C ASN B 261 -27.67 -13.81 -19.73
N GLU B 262 -27.78 -12.91 -20.71
CA GLU B 262 -27.02 -13.06 -21.96
C GLU B 262 -25.63 -12.48 -21.81
N LEU B 263 -24.65 -13.32 -22.09
CA LEU B 263 -23.25 -12.93 -22.10
C LEU B 263 -22.95 -11.69 -22.95
N ALA B 264 -23.54 -11.62 -24.15
CA ALA B 264 -23.30 -10.50 -25.06
C ALA B 264 -23.74 -9.17 -24.47
N VAL B 265 -24.86 -9.21 -23.74
CA VAL B 265 -25.40 -8.05 -23.05
C VAL B 265 -24.43 -7.64 -21.95
N ARG B 266 -23.94 -8.60 -21.16
CA ARG B 266 -22.99 -8.24 -20.09
C ARG B 266 -21.68 -7.67 -20.64
N GLU B 267 -21.18 -8.27 -21.74
CA GLU B 267 -19.97 -7.79 -22.40
C GLU B 267 -20.16 -6.38 -22.95
N ALA B 268 -21.31 -6.15 -23.60
CA ALA B 268 -21.69 -4.84 -24.12
C ALA B 268 -21.75 -3.79 -23.00
N LEU B 269 -22.37 -4.13 -21.86
CA LEU B 269 -22.38 -3.24 -20.69
C LEU B 269 -20.97 -2.87 -20.29
N ASN B 270 -20.08 -3.87 -20.30
CA ASN B 270 -18.69 -3.65 -19.88
C ASN B 270 -17.89 -2.77 -20.83
N TYR B 271 -18.38 -2.63 -22.06
CA TYR B 271 -17.73 -1.76 -23.05
C TYR B 271 -18.37 -0.37 -23.11
N ALA B 272 -19.55 -0.25 -22.50
CA ALA B 272 -20.41 0.92 -22.64
C ALA B 272 -20.09 2.10 -21.71
N VAL B 273 -19.44 1.82 -20.58
CA VAL B 273 -19.19 2.85 -19.54
C VAL B 273 -17.83 3.52 -19.74
N ASN B 274 -17.84 4.85 -19.77
CA ASN B 274 -16.60 5.59 -19.79
C ASN B 274 -16.17 5.76 -18.32
N LYS B 275 -15.29 4.87 -17.88
CA LYS B 275 -14.89 4.82 -16.46
C LYS B 275 -14.09 6.05 -16.05
N LYS B 276 -13.19 6.51 -16.91
CA LYS B 276 -12.41 7.72 -16.63
C LYS B 276 -13.34 8.91 -16.38
N SER B 277 -14.29 9.13 -17.27
CA SER B 277 -15.23 10.23 -17.14
C SER B 277 -16.13 10.07 -15.90
N LEU B 278 -16.51 8.84 -15.59
CA LEU B 278 -17.31 8.55 -14.41
C LEU B 278 -16.57 8.97 -13.13
N ILE B 279 -15.30 8.56 -13.04
CA ILE B 279 -14.49 8.92 -11.89
C ILE B 279 -14.33 10.44 -11.82
N ASP B 280 -14.11 11.07 -12.98
CA ASP B 280 -13.97 12.53 -13.02
C ASP B 280 -15.22 13.25 -12.55
N ASN B 281 -16.37 12.71 -12.94
CA ASN B 281 -17.65 13.35 -12.68
C ASN B 281 -18.31 12.99 -11.36
N ALA B 282 -18.13 11.76 -10.91
CA ALA B 282 -18.81 11.33 -9.71
C ALA B 282 -17.87 11.30 -8.53
N LEU B 283 -16.58 11.11 -8.82
CA LEU B 283 -15.56 10.88 -7.79
C LEU B 283 -14.51 11.99 -7.86
N TYR B 284 -14.83 13.05 -8.62
CA TYR B 284 -13.99 14.25 -8.76
C TYR B 284 -12.52 13.90 -9.05
N GLY B 285 -12.38 12.81 -9.84
CA GLY B 285 -11.08 12.34 -10.28
C GLY B 285 -10.16 11.80 -9.21
N THR B 286 -10.70 11.41 -8.06
CA THR B 286 -9.90 11.06 -6.88
C THR B 286 -9.51 9.60 -6.74
N GLN B 287 -10.20 8.71 -7.47
CA GLN B 287 -10.02 7.24 -7.36
C GLN B 287 -9.45 6.69 -8.67
N GLN B 288 -9.16 5.40 -8.73
CA GLN B 288 -8.52 4.83 -9.92
C GLN B 288 -9.47 3.97 -10.75
N VAL B 289 -9.31 3.96 -12.07
CA VAL B 289 -10.16 3.11 -12.96
C VAL B 289 -9.84 1.62 -12.71
N ALA B 290 -10.89 0.79 -12.57
CA ALA B 290 -10.76 -0.66 -12.38
C ALA B 290 -11.15 -1.40 -13.64
N ASP B 291 -10.28 -2.32 -14.08
CA ASP B 291 -10.52 -3.18 -15.23
C ASP B 291 -10.95 -4.59 -14.85
N THR B 292 -10.56 -5.03 -13.65
CA THR B 292 -10.80 -6.40 -13.21
C THR B 292 -11.36 -6.41 -11.80
N LEU B 293 -12.05 -7.50 -11.47
CA LEU B 293 -12.62 -7.69 -10.13
C LEU B 293 -11.60 -7.33 -9.03
N PHE B 294 -10.39 -7.86 -9.16
CA PHE B 294 -9.29 -7.51 -8.24
C PHE B 294 -8.23 -6.77 -9.01
N ALA B 295 -7.70 -5.70 -8.40
CA ALA B 295 -6.54 -5.00 -8.91
C ALA B 295 -5.37 -5.97 -9.08
N PRO B 296 -4.52 -5.75 -10.09
CA PRO B 296 -3.37 -6.65 -10.30
C PRO B 296 -2.41 -6.75 -9.11
N SER B 297 -2.47 -5.79 -8.17
CA SER B 297 -1.63 -5.79 -6.95
C SER B 297 -2.15 -6.72 -5.85
N VAL B 298 -3.37 -7.22 -5.99
CA VAL B 298 -3.97 -8.18 -5.08
C VAL B 298 -3.26 -9.55 -5.20
N PRO B 299 -3.01 -10.23 -4.06
CA PRO B 299 -2.40 -11.57 -4.12
C PRO B 299 -3.14 -12.47 -5.05
N TYR B 300 -2.37 -13.18 -5.88
CA TYR B 300 -2.88 -14.17 -6.79
C TYR B 300 -3.62 -13.59 -7.99
N ALA B 301 -3.69 -12.26 -8.08
CA ALA B 301 -4.54 -11.61 -9.08
C ALA B 301 -3.81 -10.96 -10.25
N ASN B 302 -2.48 -11.08 -10.34
CA ASN B 302 -1.76 -10.46 -11.47
C ASN B 302 -1.70 -11.48 -12.60
N LEU B 303 -2.76 -11.51 -13.39
CA LEU B 303 -3.02 -12.61 -14.34
C LEU B 303 -2.96 -12.17 -15.80
N GLY B 304 -2.72 -10.88 -16.02
CA GLY B 304 -2.74 -10.29 -17.35
C GLY B 304 -4.07 -10.44 -18.09
N LEU B 305 -5.17 -10.40 -17.33
CA LEU B 305 -6.51 -10.41 -17.91
C LEU B 305 -6.70 -9.21 -18.84
N LYS B 306 -7.43 -9.45 -19.92
CA LYS B 306 -7.67 -8.43 -20.94
C LYS B 306 -8.70 -7.40 -20.44
N PRO B 307 -8.32 -6.10 -20.35
CA PRO B 307 -9.34 -5.11 -19.94
C PRO B 307 -10.43 -4.86 -21.00
N SER B 308 -11.64 -4.49 -20.58
CA SER B 308 -12.70 -4.04 -21.49
C SER B 308 -12.78 -2.52 -21.44
N GLN B 309 -12.02 -1.89 -22.31
CA GLN B 309 -11.99 -0.44 -22.46
C GLN B 309 -13.34 0.16 -22.86
N TYR B 310 -13.41 1.49 -22.82
CA TYR B 310 -14.60 2.21 -23.27
C TYR B 310 -14.69 2.16 -24.80
N ASP B 311 -15.73 1.50 -25.30
CA ASP B 311 -15.89 1.29 -26.75
C ASP B 311 -17.35 1.04 -27.10
N PRO B 312 -18.14 2.10 -27.27
CA PRO B 312 -19.56 1.93 -27.54
C PRO B 312 -19.81 1.22 -28.88
N GLN B 313 -18.89 1.35 -29.82
CA GLN B 313 -18.95 0.60 -31.11
C GLN B 313 -18.89 -0.89 -30.95
N LYS B 314 -17.89 -1.38 -30.20
CA LYS B 314 -17.81 -2.81 -29.89
C LYS B 314 -19.09 -3.26 -29.13
N ALA B 315 -19.59 -2.41 -28.23
CA ALA B 315 -20.82 -2.73 -27.50
C ALA B 315 -22.04 -2.87 -28.40
N LYS B 316 -22.28 -1.89 -29.27
CA LYS B 316 -23.40 -1.94 -30.20
C LYS B 316 -23.21 -3.13 -31.14
N ALA B 317 -21.95 -3.37 -31.54
CA ALA B 317 -21.60 -4.48 -32.44
C ALA B 317 -21.90 -5.82 -31.80
N LEU B 318 -21.52 -5.98 -30.53
CA LEU B 318 -21.88 -7.18 -29.76
C LEU B 318 -23.39 -7.32 -29.61
N LEU B 319 -24.09 -6.22 -29.34
CA LEU B 319 -25.55 -6.25 -29.15
C LEU B 319 -26.32 -6.58 -30.42
N GLU B 320 -25.87 -6.04 -31.56
CA GLU B 320 -26.44 -6.40 -32.86
C GLU B 320 -26.28 -7.92 -33.09
N LYS B 321 -25.05 -8.44 -32.96
CA LYS B 321 -24.81 -9.87 -33.14
C LYS B 321 -25.74 -10.73 -32.29
N ALA B 322 -26.07 -10.22 -31.10
CA ALA B 322 -26.98 -10.91 -30.16
C ALA B 322 -28.46 -10.81 -30.51
N GLY B 323 -28.79 -10.01 -31.54
CA GLY B 323 -30.18 -9.83 -31.92
C GLY B 323 -30.88 -8.67 -31.20
N TRP B 324 -30.09 -7.83 -30.54
CA TRP B 324 -30.64 -6.63 -29.91
C TRP B 324 -30.54 -5.48 -30.87
N THR B 325 -31.66 -5.22 -31.54
CA THR B 325 -31.70 -4.31 -32.66
C THR B 325 -32.62 -3.11 -32.39
N LEU B 326 -32.34 -2.01 -33.06
CA LEU B 326 -33.13 -0.78 -32.89
C LEU B 326 -34.41 -0.74 -33.73
N PRO B 327 -35.58 -0.81 -33.06
CA PRO B 327 -36.84 -0.79 -33.81
C PRO B 327 -37.09 0.59 -34.45
N ALA B 328 -37.88 0.60 -35.52
CA ALA B 328 -38.25 1.86 -36.19
C ALA B 328 -39.27 2.63 -35.36
N GLY B 329 -38.95 3.88 -35.01
CA GLY B 329 -37.60 4.44 -35.11
C GLY B 329 -37.14 4.73 -33.69
N LYS B 330 -37.37 3.75 -32.81
CA LYS B 330 -37.11 3.83 -31.36
C LYS B 330 -35.62 3.84 -31.01
N ASP B 331 -35.30 4.39 -29.84
CA ASP B 331 -33.92 4.62 -29.40
C ASP B 331 -33.38 3.48 -28.53
N ILE B 332 -34.29 2.66 -28.03
CA ILE B 332 -33.94 1.53 -27.17
C ILE B 332 -34.15 0.22 -27.90
N ARG B 333 -33.09 -0.60 -27.91
CA ARG B 333 -33.09 -1.90 -28.58
C ARG B 333 -34.20 -2.84 -28.10
N GLU B 334 -34.57 -3.74 -28.98
CA GLU B 334 -35.55 -4.78 -28.70
C GLU B 334 -35.11 -6.11 -29.30
N LYS B 335 -35.56 -7.18 -28.66
CA LYS B 335 -35.29 -8.54 -29.10
C LYS B 335 -36.49 -9.39 -28.72
N ASN B 336 -37.00 -10.16 -29.69
CA ASN B 336 -38.16 -11.03 -29.47
C ASN B 336 -39.28 -10.36 -28.68
N GLY B 337 -39.60 -9.11 -29.06
CA GLY B 337 -40.68 -8.35 -28.46
C GLY B 337 -40.29 -7.45 -27.29
N GLN B 338 -39.19 -7.79 -26.62
CA GLN B 338 -38.80 -7.17 -25.35
C GLN B 338 -37.78 -6.04 -25.50
N PRO B 339 -37.94 -4.96 -24.69
CA PRO B 339 -36.93 -3.90 -24.72
C PRO B 339 -35.67 -4.33 -23.96
N LEU B 340 -34.55 -3.72 -24.31
CA LEU B 340 -33.31 -3.93 -23.59
C LEU B 340 -33.39 -3.01 -22.35
N ARG B 341 -34.15 -3.45 -21.35
CA ARG B 341 -34.30 -2.70 -20.10
C ARG B 341 -33.65 -3.46 -18.96
N ILE B 342 -32.81 -2.76 -18.19
CA ILE B 342 -32.06 -3.41 -17.14
C ILE B 342 -32.23 -2.58 -15.88
N GLU B 343 -32.71 -3.21 -14.82
CA GLU B 343 -32.88 -2.49 -13.55
C GLU B 343 -31.55 -2.33 -12.85
N LEU B 344 -31.28 -1.11 -12.40
CA LEU B 344 -30.16 -0.85 -11.51
C LEU B 344 -30.77 -0.42 -10.19
N SER B 345 -30.67 -1.31 -9.21
CA SER B 345 -31.24 -1.06 -7.89
C SER B 345 -30.13 -0.55 -6.96
N PHE B 346 -30.39 0.56 -6.28
CA PHE B 346 -29.39 1.15 -5.41
C PHE B 346 -30.04 1.80 -4.20
N ILE B 347 -29.23 2.16 -3.21
CA ILE B 347 -29.72 2.85 -2.02
C ILE B 347 -30.03 4.29 -2.43
N GLY B 348 -31.33 4.63 -2.42
CA GLY B 348 -31.78 5.87 -3.06
C GLY B 348 -31.23 7.16 -2.45
N THR B 349 -30.94 7.11 -1.16
CA THR B 349 -30.41 8.27 -0.43
C THR B 349 -28.87 8.32 -0.43
N ASP B 350 -28.22 7.30 -0.99
CA ASP B 350 -26.77 7.31 -1.18
C ASP B 350 -26.42 8.20 -2.37
N ALA B 351 -25.91 9.40 -2.06
CA ALA B 351 -25.58 10.40 -3.05
C ALA B 351 -24.58 9.93 -4.12
N LEU B 352 -23.57 9.14 -3.72
CA LEU B 352 -22.57 8.61 -4.66
C LEU B 352 -23.14 7.56 -5.58
N SER B 353 -23.95 6.66 -5.03
CA SER B 353 -24.63 5.62 -5.81
C SER B 353 -25.52 6.29 -6.83
N LYS B 354 -26.30 7.28 -6.39
CA LYS B 354 -27.23 7.97 -7.30
C LYS B 354 -26.47 8.63 -8.47
N SER B 355 -25.39 9.35 -8.16
CA SER B 355 -24.66 10.04 -9.22
C SER B 355 -24.02 9.08 -10.20
N MET B 356 -23.47 7.97 -9.70
CA MET B 356 -22.84 6.98 -10.56
C MET B 356 -23.90 6.28 -11.40
N ALA B 357 -25.04 5.99 -10.77
CA ALA B 357 -26.17 5.34 -11.46
C ALA B 357 -26.69 6.20 -12.60
N GLU B 358 -26.74 7.52 -12.39
CA GLU B 358 -27.15 8.45 -13.43
C GLU B 358 -26.20 8.43 -14.62
N ILE B 359 -24.89 8.42 -14.36
CA ILE B 359 -23.88 8.39 -15.41
C ILE B 359 -23.96 7.05 -16.18
N ILE B 360 -24.16 5.96 -15.44
CA ILE B 360 -24.22 4.64 -16.05
C ILE B 360 -25.43 4.57 -16.99
N GLN B 361 -26.57 5.10 -16.53
CA GLN B 361 -27.78 5.14 -17.36
C GLN B 361 -27.53 5.86 -18.68
N ALA B 362 -26.90 7.03 -18.59
CA ALA B 362 -26.61 7.88 -19.73
C ALA B 362 -25.67 7.18 -20.72
N ASP B 363 -24.61 6.59 -20.18
CA ASP B 363 -23.68 5.79 -20.98
C ASP B 363 -24.39 4.62 -21.67
N MET B 364 -25.18 3.86 -20.92
CA MET B 364 -25.85 2.70 -21.52
C MET B 364 -26.93 3.12 -22.50
N ARG B 365 -27.51 4.31 -22.31
CA ARG B 365 -28.51 4.77 -23.25
C ARG B 365 -27.89 4.93 -24.64
N GLN B 366 -26.59 5.22 -24.68
CA GLN B 366 -25.89 5.51 -25.94
C GLN B 366 -25.60 4.25 -26.76
N ILE B 367 -25.68 3.07 -26.12
CA ILE B 367 -25.59 1.81 -26.85
C ILE B 367 -26.98 1.17 -27.04
N GLY B 368 -28.03 1.91 -26.69
CA GLY B 368 -29.42 1.44 -26.83
C GLY B 368 -30.00 0.59 -25.68
N ALA B 369 -29.41 0.70 -24.49
CA ALA B 369 -29.94 -0.02 -23.33
C ALA B 369 -30.66 0.95 -22.39
N ASP B 370 -31.83 0.56 -21.92
CA ASP B 370 -32.58 1.40 -21.01
C ASP B 370 -32.34 0.93 -19.60
N VAL B 371 -31.47 1.62 -18.87
CA VAL B 371 -31.26 1.22 -17.49
C VAL B 371 -32.25 1.97 -16.60
N SER B 372 -33.02 1.21 -15.83
CA SER B 372 -34.02 1.76 -14.93
C SER B 372 -33.35 2.01 -13.57
N LEU B 373 -33.43 3.24 -13.10
CA LEU B 373 -32.88 3.61 -11.78
C LEU B 373 -33.91 3.33 -10.72
N ILE B 374 -33.65 2.32 -9.93
CA ILE B 374 -34.57 1.92 -8.87
C ILE B 374 -33.91 2.28 -7.54
N GLY B 375 -34.23 3.46 -7.03
CA GLY B 375 -33.70 3.91 -5.73
C GLY B 375 -34.59 3.39 -4.62
N GLU B 376 -33.99 2.65 -3.68
CA GLU B 376 -34.79 2.12 -2.57
C GLU B 376 -34.11 2.28 -1.22
N GLU B 377 -34.85 1.94 -0.17
CA GLU B 377 -34.30 1.89 1.16
C GLU B 377 -33.26 0.78 1.21
N GLU B 378 -32.28 0.96 2.10
CA GLU B 378 -31.17 0.04 2.21
C GLU B 378 -31.63 -1.38 2.55
N SER B 379 -32.64 -1.51 3.42
CA SER B 379 -33.13 -2.85 3.80
C SER B 379 -33.76 -3.57 2.62
N SER B 380 -34.39 -2.83 1.72
CA SER B 380 -34.94 -3.38 0.48
C SER B 380 -33.85 -3.83 -0.53
N ILE B 381 -32.77 -3.06 -0.62
CA ILE B 381 -31.59 -3.43 -1.41
C ILE B 381 -30.95 -4.69 -0.88
N TYR B 382 -30.72 -4.73 0.43
CA TYR B 382 -30.15 -5.92 1.02
C TYR B 382 -31.05 -7.16 0.84
N ALA B 383 -32.37 -6.99 0.97
CA ALA B 383 -33.32 -8.04 0.63
C ALA B 383 -33.23 -8.52 -0.83
N ARG B 384 -33.10 -7.58 -1.77
CA ARG B 384 -32.94 -7.92 -3.17
C ARG B 384 -31.69 -8.75 -3.40
N GLN B 385 -30.60 -8.33 -2.77
CA GLN B 385 -29.33 -9.05 -2.89
C GLN B 385 -29.44 -10.52 -2.45
N ARG B 386 -30.15 -10.75 -1.34
CA ARG B 386 -30.32 -12.10 -0.81
C ARG B 386 -31.19 -12.96 -1.70
N ASP B 387 -32.22 -12.34 -2.27
CA ASP B 387 -33.25 -13.00 -3.07
C ASP B 387 -32.90 -13.14 -4.54
N GLY B 388 -31.88 -12.40 -4.97
CA GLY B 388 -31.51 -12.35 -6.39
C GLY B 388 -32.49 -11.54 -7.20
N ARG B 389 -33.25 -10.69 -6.52
CA ARG B 389 -34.26 -9.85 -7.18
C ARG B 389 -33.62 -8.56 -7.64
N PHE B 390 -32.67 -8.68 -8.56
CA PHE B 390 -32.00 -7.50 -9.12
C PHE B 390 -31.50 -7.79 -10.53
N GLY B 391 -31.30 -6.73 -11.30
CA GLY B 391 -30.64 -6.80 -12.61
C GLY B 391 -29.16 -6.45 -12.44
N MET B 392 -28.93 -5.23 -11.95
CA MET B 392 -27.58 -4.77 -11.61
C MET B 392 -27.65 -4.14 -10.24
N ILE B 393 -26.57 -4.32 -9.48
CA ILE B 393 -26.42 -3.67 -8.17
C ILE B 393 -25.00 -3.14 -8.06
N PHE B 394 -24.80 -2.08 -7.28
CA PHE B 394 -23.47 -1.71 -6.88
C PHE B 394 -22.94 -2.75 -5.89
N HIS B 395 -21.64 -3.01 -5.97
CA HIS B 395 -21.06 -4.00 -5.09
C HIS B 395 -19.58 -3.64 -4.86
N ARG B 396 -18.99 -4.18 -3.82
CA ARG B 396 -17.57 -3.94 -3.60
C ARG B 396 -16.89 -5.15 -3.05
N THR B 397 -15.58 -5.20 -3.23
CA THR B 397 -14.77 -6.27 -2.62
C THR B 397 -14.40 -5.76 -1.23
N TRP B 398 -13.64 -6.55 -0.49
CA TRP B 398 -13.57 -6.34 0.95
C TRP B 398 -12.25 -5.80 1.49
N GLY B 399 -11.25 -5.67 0.62
CA GLY B 399 -9.95 -5.18 1.07
C GLY B 399 -9.13 -6.26 1.75
N ALA B 400 -7.92 -5.92 2.16
CA ALA B 400 -7.07 -6.87 2.89
C ALA B 400 -7.64 -7.13 4.30
N PRO B 401 -7.48 -8.35 4.82
CA PRO B 401 -6.92 -9.58 4.20
C PRO B 401 -7.94 -10.45 3.49
N TYR B 402 -9.14 -9.93 3.27
CA TYR B 402 -10.24 -10.70 2.69
C TYR B 402 -10.01 -10.98 1.21
N ASP B 403 -9.39 -10.04 0.52
CA ASP B 403 -9.24 -10.19 -0.93
C ASP B 403 -7.91 -10.90 -1.27
N PRO B 404 -7.98 -11.97 -2.08
CA PRO B 404 -9.15 -12.56 -2.76
C PRO B 404 -9.85 -13.72 -2.03
N HIS B 405 -9.17 -14.38 -1.09
CA HIS B 405 -9.59 -15.72 -0.67
C HIS B 405 -10.97 -15.73 0.02
N ALA B 406 -11.18 -14.78 0.92
CA ALA B 406 -12.45 -14.76 1.68
C ALA B 406 -13.62 -14.20 0.86
N PHE B 407 -13.34 -13.19 0.02
CA PHE B 407 -14.33 -12.74 -0.97
C PHE B 407 -14.77 -13.91 -1.88
N LEU B 408 -13.82 -14.71 -2.37
CA LEU B 408 -14.17 -15.88 -3.16
C LEU B 408 -14.94 -16.93 -2.33
N SER B 409 -14.47 -17.18 -1.10
CA SER B 409 -15.10 -18.18 -0.25
C SER B 409 -16.59 -17.85 -0.14
N SER B 410 -16.88 -16.56 0.01
CA SER B 410 -18.25 -16.10 0.24
C SER B 410 -19.19 -16.28 -0.96
N MET B 411 -18.65 -16.28 -2.17
CA MET B 411 -19.42 -16.51 -3.41
C MET B 411 -20.20 -17.83 -3.43
N ARG B 412 -19.81 -18.75 -2.56
CA ARG B 412 -20.42 -20.09 -2.53
C ARG B 412 -21.66 -20.11 -1.64
N VAL B 413 -21.88 -19.04 -0.87
CA VAL B 413 -22.95 -19.03 0.13
C VAL B 413 -24.25 -18.50 -0.46
N PRO B 414 -25.28 -19.38 -0.52
CA PRO B 414 -26.52 -19.14 -1.25
C PRO B 414 -27.24 -17.80 -1.10
N SER B 415 -27.39 -17.26 0.08
CA SER B 415 -28.34 -16.16 0.06
C SER B 415 -27.68 -14.80 0.09
N HIS B 416 -26.67 -14.65 -0.79
CA HIS B 416 -25.85 -13.44 -0.84
C HIS B 416 -25.64 -12.97 -2.29
N ALA B 417 -25.20 -11.74 -2.45
CA ALA B 417 -25.24 -11.10 -3.76
C ALA B 417 -24.39 -11.79 -4.83
N ASP B 418 -23.18 -12.20 -4.46
CA ASP B 418 -22.27 -12.80 -5.47
C ASP B 418 -22.79 -14.13 -5.93
N PHE B 419 -23.23 -14.94 -4.97
CA PHE B 419 -23.85 -16.21 -5.30
C PHE B 419 -25.02 -15.99 -6.24
N GLN B 420 -25.89 -15.07 -5.87
CA GLN B 420 -27.09 -14.79 -6.67
C GLN B 420 -26.75 -14.31 -8.09
N ALA B 421 -25.80 -13.39 -8.19
CA ALA B 421 -25.40 -12.80 -9.49
C ALA B 421 -24.82 -13.88 -10.41
N GLN B 422 -24.23 -14.91 -9.83
CA GLN B 422 -23.52 -15.94 -10.60
C GLN B 422 -24.36 -17.20 -10.93
N GLN B 423 -25.62 -17.21 -10.52
CA GLN B 423 -26.45 -18.40 -10.60
C GLN B 423 -26.77 -18.84 -12.02
N GLY B 424 -26.73 -17.92 -12.97
CA GLY B 424 -27.02 -18.20 -14.37
C GLY B 424 -25.84 -18.72 -15.14
N LEU B 425 -24.67 -18.83 -14.49
CA LEU B 425 -23.46 -19.26 -15.18
C LEU B 425 -23.41 -20.78 -15.29
N ALA B 426 -23.20 -21.25 -16.51
CA ALA B 426 -23.08 -22.69 -16.75
C ALA B 426 -21.99 -23.31 -15.87
N ASP B 427 -20.93 -22.55 -15.63
CA ASP B 427 -19.80 -23.04 -14.85
C ASP B 427 -19.80 -22.64 -13.38
N LYS B 428 -20.92 -22.11 -12.88
CA LYS B 428 -21.01 -21.83 -11.43
C LYS B 428 -20.62 -23.04 -10.55
N PRO B 429 -21.15 -24.25 -10.85
CA PRO B 429 -20.80 -25.43 -10.06
C PRO B 429 -19.30 -25.69 -10.03
N LEU B 430 -18.65 -25.64 -11.20
CA LEU B 430 -17.18 -25.77 -11.28
C LEU B 430 -16.47 -24.67 -10.51
N ILE B 431 -16.94 -23.43 -10.63
CA ILE B 431 -16.27 -22.30 -9.93
C ILE B 431 -16.33 -22.53 -8.42
N ASP B 432 -17.50 -22.91 -7.92
CA ASP B 432 -17.66 -23.16 -6.48
C ASP B 432 -16.83 -24.36 -5.99
N LYS B 433 -16.70 -25.36 -6.84
CA LYS B 433 -15.85 -26.51 -6.51
C LYS B 433 -14.40 -26.07 -6.41
N GLU B 434 -13.95 -25.30 -7.41
CA GLU B 434 -12.56 -24.81 -7.41
C GLU B 434 -12.25 -23.86 -6.25
N ILE B 435 -13.23 -23.05 -5.87
CA ILE B 435 -13.05 -22.20 -4.67
C ILE B 435 -12.79 -23.07 -3.44
N GLY B 436 -13.58 -24.11 -3.31
CA GLY B 436 -13.36 -25.05 -2.22
C GLY B 436 -11.94 -25.62 -2.27
N GLU B 437 -11.47 -25.93 -3.47
CA GLU B 437 -10.16 -26.57 -3.66
C GLU B 437 -8.99 -25.63 -3.37
N VAL B 438 -9.13 -24.38 -3.80
CA VAL B 438 -8.11 -23.38 -3.59
C VAL B 438 -7.91 -23.12 -2.08
N LEU B 439 -9.00 -23.21 -1.33
CA LEU B 439 -8.94 -23.04 0.11
C LEU B 439 -8.29 -24.23 0.80
N ALA B 440 -8.43 -25.42 0.21
CA ALA B 440 -8.05 -26.66 0.89
C ALA B 440 -6.73 -27.23 0.41
N THR B 441 -6.33 -26.93 -0.82
CA THR B 441 -5.12 -27.52 -1.38
C THR B 441 -3.87 -27.16 -0.57
N HIS B 442 -2.92 -28.10 -0.52
CA HIS B 442 -1.64 -27.80 0.09
C HIS B 442 -0.57 -27.59 -1.00
N ASP B 443 -0.97 -27.75 -2.26
CA ASP B 443 -0.12 -27.61 -3.42
C ASP B 443 -0.19 -26.14 -3.87
N GLU B 444 0.89 -25.40 -3.63
CA GLU B 444 0.90 -23.97 -3.95
C GLU B 444 0.81 -23.69 -5.47
N THR B 445 1.41 -24.57 -6.25
CA THR B 445 1.27 -24.49 -7.70
C THR B 445 -0.21 -24.61 -8.12
N GLN B 446 -0.89 -25.61 -7.55
CA GLN B 446 -2.30 -25.81 -7.81
C GLN B 446 -3.12 -24.62 -7.31
N ARG B 447 -2.72 -24.06 -6.15
CA ARG B 447 -3.45 -22.90 -5.59
C ARG B 447 -3.47 -21.77 -6.61
N GLN B 448 -2.31 -21.44 -7.15
CA GLN B 448 -2.19 -20.37 -8.15
C GLN B 448 -2.97 -20.67 -9.44
N ALA B 449 -2.93 -21.92 -9.89
CA ALA B 449 -3.64 -22.33 -11.11
C ALA B 449 -5.14 -22.19 -10.88
N LEU B 450 -5.59 -22.56 -9.67
CA LEU B 450 -7.01 -22.49 -9.33
C LEU B 450 -7.47 -21.03 -9.22
N TYR B 451 -6.68 -20.20 -8.56
CA TYR B 451 -6.99 -18.77 -8.56
C TYR B 451 -7.05 -18.19 -9.96
N ARG B 452 -6.09 -18.53 -10.81
CA ARG B 452 -6.15 -18.08 -12.20
C ARG B 452 -7.44 -18.54 -12.85
N ASP B 453 -7.78 -19.82 -12.72
CA ASP B 453 -8.96 -20.31 -13.37
C ASP B 453 -10.25 -19.60 -12.92
N ILE B 454 -10.43 -19.48 -11.61
CA ILE B 454 -11.63 -18.84 -11.06
C ILE B 454 -11.73 -17.39 -11.53
N LEU B 455 -10.64 -16.64 -11.37
CA LEU B 455 -10.68 -15.20 -11.69
C LEU B 455 -10.83 -14.96 -13.19
N THR B 456 -10.21 -15.84 -13.99
CA THR B 456 -10.35 -15.73 -15.43
C THR B 456 -11.77 -16.04 -15.88
N ARG B 457 -12.37 -17.09 -15.33
CA ARG B 457 -13.77 -17.40 -15.68
C ARG B 457 -14.71 -16.23 -15.33
N LEU B 458 -14.53 -15.67 -14.14
CA LEU B 458 -15.39 -14.58 -13.69
C LEU B 458 -15.24 -13.35 -14.58
N HIS B 459 -14.00 -13.08 -14.98
CA HIS B 459 -13.69 -12.02 -15.93
C HIS B 459 -14.30 -12.30 -17.29
N ASP B 460 -14.04 -13.49 -17.86
CA ASP B 460 -14.54 -13.83 -19.21
C ASP B 460 -16.05 -13.87 -19.31
N GLU B 461 -16.71 -14.22 -18.23
CA GLU B 461 -18.16 -14.28 -18.25
C GLU B 461 -18.83 -12.96 -17.92
N ALA B 462 -18.01 -11.93 -17.70
CA ALA B 462 -18.50 -10.57 -17.49
C ALA B 462 -19.60 -10.52 -16.40
N VAL B 463 -19.34 -11.19 -15.29
CA VAL B 463 -20.28 -11.19 -14.14
C VAL B 463 -20.32 -9.81 -13.51
N TYR B 464 -19.14 -9.21 -13.48
CA TYR B 464 -18.98 -7.90 -12.87
C TYR B 464 -18.74 -6.82 -13.91
N LEU B 465 -19.01 -5.60 -13.51
CA LEU B 465 -18.58 -4.44 -14.27
C LEU B 465 -17.69 -3.60 -13.34
N PRO B 466 -16.36 -3.87 -13.33
CA PRO B 466 -15.49 -3.11 -12.42
C PRO B 466 -15.49 -1.62 -12.75
N ILE B 467 -15.57 -0.77 -11.73
CA ILE B 467 -15.66 0.66 -11.97
C ILE B 467 -14.38 1.35 -11.47
N SER B 468 -14.07 1.18 -10.18
CA SER B 468 -12.91 1.89 -9.60
C SER B 468 -12.23 1.07 -8.51
N TYR B 469 -10.93 1.30 -8.32
CA TYR B 469 -10.24 0.85 -7.11
C TYR B 469 -10.22 2.05 -6.19
N ILE B 470 -10.87 1.93 -5.06
CA ILE B 470 -11.07 3.09 -4.18
C ILE B 470 -10.07 3.09 -3.06
N SER B 471 -9.88 4.28 -2.49
CA SER B 471 -8.94 4.48 -1.41
C SER B 471 -9.65 4.84 -0.11
N MET B 472 -8.92 4.67 0.99
CA MET B 472 -9.31 5.30 2.25
C MET B 472 -8.99 6.80 2.19
N MET B 473 -9.84 7.60 2.83
CA MET B 473 -9.58 9.05 2.87
C MET B 473 -9.65 9.51 4.32
N VAL B 474 -8.88 10.56 4.60
CA VAL B 474 -8.80 11.15 5.93
C VAL B 474 -8.94 12.67 5.82
N VAL B 475 -9.68 13.24 6.72
CA VAL B 475 -9.66 14.69 6.89
C VAL B 475 -9.43 14.86 8.40
N SER B 476 -8.47 15.73 8.76
CA SER B 476 -8.14 15.87 10.18
C SER B 476 -7.67 17.28 10.53
N LYS B 477 -7.85 17.65 11.80
CA LYS B 477 -7.21 18.84 12.31
C LYS B 477 -5.69 18.67 12.24
N PRO B 478 -4.97 19.67 11.68
CA PRO B 478 -3.51 19.62 11.55
C PRO B 478 -2.79 19.17 12.81
N GLU B 479 -3.29 19.57 13.98
CA GLU B 479 -2.64 19.19 15.24
C GLU B 479 -2.54 17.68 15.52
N LEU B 480 -3.41 16.87 14.90
CA LEU B 480 -3.38 15.41 15.07
C LEU B 480 -2.24 14.75 14.28
N GLY B 481 -1.61 15.50 13.38
CA GLY B 481 -0.48 14.98 12.61
C GLY B 481 -0.89 14.00 11.53
N ASN B 482 0.08 13.24 11.04
CA ASN B 482 -0.15 12.25 10.00
C ASN B 482 -0.98 11.12 10.61
N ILE B 483 -2.03 10.70 9.90
CA ILE B 483 -2.97 9.71 10.41
C ILE B 483 -2.65 8.39 9.73
N PRO B 484 -2.28 7.37 10.52
CA PRO B 484 -1.91 6.08 9.91
C PRO B 484 -3.10 5.25 9.42
N TYR B 485 -2.85 4.30 8.51
CA TYR B 485 -3.86 3.34 8.07
C TYR B 485 -3.62 1.97 8.71
N ALA B 486 -4.69 1.29 9.10
CA ALA B 486 -4.61 -0.09 9.57
C ALA B 486 -4.39 -1.05 8.38
N PRO B 487 -3.61 -2.14 8.57
CA PRO B 487 -3.48 -3.19 7.55
C PRO B 487 -4.83 -3.82 7.12
N ILE B 488 -5.73 -3.97 8.07
CA ILE B 488 -7.06 -4.49 7.78
C ILE B 488 -7.95 -3.34 7.35
N ALA B 489 -8.46 -3.42 6.12
CA ALA B 489 -9.23 -2.34 5.51
C ALA B 489 -10.38 -1.83 6.36
N THR B 490 -11.02 -2.73 7.10
CA THR B 490 -12.18 -2.36 7.90
C THR B 490 -11.83 -1.86 9.32
N GLU B 491 -10.55 -1.79 9.64
CA GLU B 491 -10.14 -1.26 10.95
C GLU B 491 -9.69 0.20 10.85
N ILE B 492 -9.73 0.90 11.99
CA ILE B 492 -9.24 2.28 12.08
C ILE B 492 -8.26 2.36 13.27
N PRO B 493 -6.98 2.70 13.00
CA PRO B 493 -5.95 2.58 14.05
C PRO B 493 -5.90 3.77 15.06
N PHE B 494 -7.00 4.00 15.76
CA PHE B 494 -7.06 5.10 16.72
C PHE B 494 -5.92 5.09 17.74
N GLU B 495 -5.45 3.90 18.11
CA GLU B 495 -4.41 3.76 19.11
C GLU B 495 -3.04 4.21 18.61
N GLN B 496 -2.93 4.46 17.30
CA GLN B 496 -1.69 4.88 16.66
C GLN B 496 -1.59 6.39 16.47
N ILE B 497 -2.66 7.11 16.79
CA ILE B 497 -2.68 8.56 16.65
C ILE B 497 -1.99 9.23 17.83
N LYS B 498 -0.96 10.02 17.51
CA LYS B 498 -0.21 10.79 18.52
C LYS B 498 -0.38 12.28 18.21
N PRO B 499 -1.38 12.93 18.83
CA PRO B 499 -1.62 14.34 18.66
C PRO B 499 -1.03 15.24 19.77
N VAL B 500 -1.59 16.44 19.89
CA VAL B 500 -1.55 17.25 21.09
C VAL B 500 -2.97 17.72 21.39
FE FE C . 21.24 5.99 -1.95
C ACT D . 16.42 -4.04 -10.41
O ACT D . 17.04 -5.14 -10.44
OXT ACT D . 16.29 -3.40 -11.51
CH3 ACT D . 15.86 -3.53 -9.13
C ACT E . 14.41 -9.22 26.34
O ACT E . 14.85 -10.34 26.02
OXT ACT E . 15.28 -8.32 26.50
CH3 ACT E . 12.94 -8.99 26.49
C ACT F . 11.37 33.17 -15.05
O ACT F . 12.05 32.12 -15.11
OXT ACT F . 10.84 33.44 -13.96
CH3 ACT F . 11.20 34.08 -16.23
C ACT G . 5.07 -22.81 -20.25
O ACT G . 5.69 -21.92 -20.94
OXT ACT G . 3.89 -22.58 -19.80
CH3 ACT G . 5.76 -24.11 -19.92
C ACT H . 3.03 -14.51 2.64
O ACT H . 2.64 -13.45 3.17
OXT ACT H . 4.18 -14.93 2.94
CH3 ACT H . 2.16 -15.28 1.70
C ACT I . 18.49 8.91 -9.79
O ACT I . 17.33 8.98 -9.37
OXT ACT I . 19.08 7.89 -9.41
CH3 ACT I . 19.12 9.94 -10.67
S SO4 J . 29.06 18.87 -21.16
O1 SO4 J . 28.46 19.55 -20.05
O2 SO4 J . 29.73 19.88 -21.97
O3 SO4 J . 30.04 17.88 -20.69
O4 SO4 J . 28.03 18.16 -21.94
CL CL K . 25.56 0.75 -6.15
CL CL L . 14.49 21.97 -37.86
CL CL M . 30.86 6.76 -1.60
CL CL N . 1.10 -7.31 -15.81
O20 EDT O . 23.47 6.21 -2.23
C5 EDT O . 24.00 7.12 -1.53
O19 EDT O . 25.23 7.40 -1.55
C4 EDT O . 23.13 7.98 -0.63
N3 EDT O . 21.79 8.15 -1.23
C2 EDT O . 21.84 9.03 -2.43
C2 EDT O . 21.81 9.04 -2.41
C1 EDT O . 22.38 10.43 -2.22
C1 EDT O . 20.95 8.47 -3.52
O18 EDT O . 22.06 11.28 -3.07
O18 EDT O . 20.75 9.14 -4.55
O17 EDT O . 23.12 10.69 -1.25
O17 EDT O . 20.46 7.34 -3.38
C6 EDT O . 20.85 8.64 -0.22
C7 EDT O . 19.47 7.97 -0.24
N8 EDT O . 19.46 6.53 -0.53
C9 EDT O . 18.15 6.18 -1.11
C10 EDT O . 18.30 5.07 -2.11
O16 EDT O . 17.28 4.51 -2.58
O15 EDT O . 19.47 4.74 -2.45
C11 EDT O . 19.64 5.81 0.75
C12 EDT O . 21.03 5.20 0.91
O13 EDT O . 21.81 5.10 -0.06
O14 EDT O . 21.34 4.79 2.04
S1 DTT P . 31.37 11.31 21.97
S1 DTT P . 32.23 9.03 20.52
C1 DTT P . 31.24 10.53 20.37
C2 DTT P . 29.75 10.36 20.10
O2 DTT P . 29.23 9.25 20.81
C3 DTT P . 29.43 10.28 18.62
O3 DTT P . 29.34 11.61 18.15
C4 DTT P . 30.49 9.53 17.84
S4 DTT P . 30.51 9.58 16.77
C1 GOL Q . 30.89 -16.75 6.67
O1 GOL Q . 30.84 -17.94 5.92
C2 GOL Q . 32.27 -16.52 7.26
O2 GOL Q . 33.24 -16.66 6.25
C3 GOL Q . 32.34 -15.15 7.91
O3 GOL Q . 32.19 -14.10 6.97
C1 GOL R . 42.01 -4.12 14.02
O1 GOL R . 42.11 -4.48 15.39
C2 GOL R . 43.33 -4.43 13.34
O2 GOL R . 43.35 -5.80 13.08
C3 GOL R . 43.34 -3.75 12.00
O3 GOL R . 42.46 -4.48 11.16
C1 GOL S . 19.04 10.29 -31.69
O1 GOL S . 18.76 9.06 -31.06
C2 GOL S . 19.26 11.33 -30.61
O2 GOL S . 20.31 10.87 -29.79
C3 GOL S . 19.66 12.67 -31.22
O3 GOL S . 19.86 13.57 -30.17
FE FE T . -19.49 -8.09 6.10
C ACT U . -22.37 -4.01 -1.13
O ACT U . -23.19 -4.67 -1.84
OXT ACT U . -21.20 -4.42 -1.10
CH3 ACT U . -22.76 -2.79 -0.38
C ACT V . -23.71 -1.85 8.65
O ACT V . -24.19 -2.52 9.58
OXT ACT V . -22.66 -2.29 8.14
CH3 ACT V . -24.37 -0.60 8.15
C ACT W . -12.60 3.14 -19.44
O ACT W . -12.24 4.35 -19.43
OXT ACT W . -13.83 2.90 -19.33
CH3 ACT W . -11.62 2.01 -19.59
CL CL X . -15.95 -1.00 9.97
O20 EDT Y . -18.23 -6.42 5.62
C5 EDT Y . -17.09 -6.52 5.12
O19 EDT Y . -16.41 -5.51 4.82
C4 EDT Y . -16.53 -7.92 4.86
N3 EDT Y . -17.29 -8.93 5.63
C2 EDT Y . -16.60 -9.29 6.86
C1 EDT Y . -17.59 -9.30 7.99
O18 EDT Y . -17.20 -9.76 9.08
O17 EDT Y . -18.75 -8.85 7.82
C6 EDT Y . -17.50 -10.20 4.92
C7 EDT Y . -18.65 -11.09 5.46
N8 EDT Y . -19.98 -10.43 5.47
C9 EDT Y . -20.78 -10.95 6.62
C10 EDT Y . -21.83 -9.93 7.01
C10 EDT Y . -22.20 -11.41 6.37
O16 EDT Y . -22.86 -10.31 7.61
O16 EDT Y . -23.05 -10.58 5.98
O15 EDT Y . -21.64 -8.73 6.72
O15 EDT Y . -22.49 -12.62 6.56
C11 EDT Y . -20.65 -10.48 4.14
C12 EDT Y . -20.63 -9.14 3.40
C12 EDT Y . -20.84 -11.82 3.48
O13 EDT Y . -21.09 -9.12 2.24
O13 EDT Y . -20.95 -11.86 2.23
O14 EDT Y . -20.15 -8.13 3.94
O14 EDT Y . -20.90 -12.86 4.18
C1 GOL Z . -17.62 6.36 5.88
O1 GOL Z . -17.81 5.96 7.21
C2 GOL Z . -18.46 5.43 5.06
O2 GOL Z . -18.59 5.95 3.75
C3 GOL Z . -17.71 4.10 5.11
O3 GOL Z . -16.33 4.40 5.24
C1 GOL AA . -2.73 -34.92 10.78
O1 GOL AA . -2.41 -33.69 11.40
C2 GOL AA . -3.55 -35.78 11.72
O2 GOL AA . -4.77 -36.18 11.13
C3 GOL AA . -2.74 -36.99 12.14
O3 GOL AA . -2.23 -36.76 13.43
#